data_6D5V
#
_entry.id   6D5V
#
_cell.length_a   182.822
_cell.length_b   182.822
_cell.length_c   177.866
_cell.angle_alpha   90.00
_cell.angle_beta   90.00
_cell.angle_gamma   90.00
#
_symmetry.space_group_name_H-M   'I 4 2 2'
#
loop_
_entity.id
_entity.type
_entity.pdbx_description
1 polymer 'GTPase HRas'
2 polymer 'GTPase HRas'
3 polymer 'Son of sevenless homolog 1'
4 non-polymer 'MAGNESIUM ION'
5 non-polymer 'PHOSPHOAMINOPHOSPHONIC ACID-GUANYLATE ESTER'
6 non-polymer 1-[(3-chloro-4-fluorophenyl)methyl]-5,6-dimethyl-1H-benzimidazol-2-amine
7 water water
#
loop_
_entity_poly.entity_id
_entity_poly.type
_entity_poly.pdbx_seq_one_letter_code
_entity_poly.pdbx_strand_id
1 'polypeptide(L)'
;GMTEYKLVVVGAGGVGKSALTIQLIQNHFVDEYDPTIEDSYRKQVVIDGETCLLDILDTAGQEEASAMRDQYMRTGEGFL
CVFAINNTKSFEDIHQYREQIKRVKDSDDVPMVLVGNKCDLAARTVESRQAQDLARSYGIPYIETSAKTRQGVEDAFYTL
VREIRQH
;
Q
2 'polypeptide(L)'
;GMTEYKLVVVGAGGVGKSALTIQLIQNHFVDEYDPTIEDSYRKQVVIDGETCLLDILDTAGQEEYSAMRDQYMRTGEGFL
CVFAINNTKSFEDIHQYREQIKRVKDSDDVPMVLVGNKCDLAARTVESRQAQDLARSYGIPYIETSAKTRQGVEDAFYTL
VREIRQH
;
R
3 'polypeptide(L)'
;GQMRLPSADVYRFAEPDSEENIIFEENMQPKAGIPIIKAGTVIKLIERLTYHMYADPNFVRTFLTTYRSFCKPQELLSLI
IERFEIPEPEPTEADRIAIENGDQPLSAELKRFRKEYIQPVQLRVLNVCRHWVEHHFYDFERDAYLLQRMEEFIGTVRGK
AMKKWVESITKIIQRKKIARDNGPGHNITFQSSPPTVEWHISRPGHIETFDLLTLHPIEIARQLTLLESDLYRAVQPSEL
VGSVWTKEDKEINSPNLLKMIRHTTNLTLWFEKCIVETENLEERVAVVSRIIEILQVFQELNNFNGVLEVVSAMNSSPVY
RLDHTFEQIPSRQKKILEEAHELSEDHYKKYLAKLRSINPPCVPFFGIYLTNILKTEEGNPEVLKRHGKELINFSKRRKV
AEITGEIQQYQNQPYCLRVESDIKRFFENLNPMGNSMEKEFTDYLFNKSLEIEPRNPKPLPRFPKKYSYPLKSPGVRPSN
PR
;
S
#
loop_
_chem_comp.id
_chem_comp.type
_chem_comp.name
_chem_comp.formula
FVY non-polymer 1-[(3-chloro-4-fluorophenyl)methyl]-5,6-dimethyl-1H-benzimidazol-2-amine 'C16 H15 Cl F N3'
GNP non-polymer 'PHOSPHOAMINOPHOSPHONIC ACID-GUANYLATE ESTER' 'C10 H17 N6 O13 P3'
MG non-polymer 'MAGNESIUM ION' 'Mg 2'
#
# COMPACT_ATOMS: atom_id res chain seq x y z
N MET A 2 1.48 5.44 -17.05
CA MET A 2 2.11 4.14 -17.21
C MET A 2 1.12 3.10 -17.77
N THR A 3 1.58 2.33 -18.74
CA THR A 3 0.79 1.28 -19.34
C THR A 3 0.78 0.04 -18.43
N GLU A 4 -0.35 -0.63 -18.36
CA GLU A 4 -0.47 -1.88 -17.64
C GLU A 4 -0.39 -3.08 -18.60
N TYR A 5 0.37 -4.12 -18.23
CA TYR A 5 0.52 -5.32 -19.08
C TYR A 5 0.07 -6.57 -18.33
N LYS A 6 -0.83 -7.34 -18.95
CA LYS A 6 -1.29 -8.59 -18.37
C LYS A 6 -0.45 -9.76 -18.85
N LEU A 7 0.47 -10.23 -18.01
CA LEU A 7 1.31 -11.37 -18.37
C LEU A 7 0.78 -12.62 -17.70
N VAL A 8 0.86 -13.75 -18.40
CA VAL A 8 0.43 -15.03 -17.86
C VAL A 8 1.56 -16.04 -17.99
N VAL A 9 1.87 -16.75 -16.91
CA VAL A 9 2.91 -17.78 -16.93
C VAL A 9 2.28 -19.17 -16.96
N VAL A 10 2.53 -19.94 -18.02
CA VAL A 10 1.94 -21.29 -18.21
C VAL A 10 2.99 -22.38 -18.49
N GLY A 11 2.60 -23.64 -18.30
CA GLY A 11 3.51 -24.75 -18.51
C GLY A 11 3.27 -25.87 -17.50
N ALA A 12 3.91 -27.01 -17.72
CA ALA A 12 3.64 -28.22 -16.93
C ALA A 12 3.95 -28.03 -15.45
N GLY A 13 3.36 -28.89 -14.62
CA GLY A 13 3.58 -28.82 -13.19
C GLY A 13 5.03 -28.99 -12.83
N GLY A 14 5.53 -28.15 -11.92
CA GLY A 14 6.87 -28.31 -11.41
C GLY A 14 8.01 -27.76 -12.25
N VAL A 15 7.73 -27.10 -13.36
CA VAL A 15 8.80 -26.59 -14.20
C VAL A 15 9.43 -25.30 -13.66
N GLY A 16 8.78 -24.68 -12.68
CA GLY A 16 9.34 -23.51 -12.02
C GLY A 16 8.65 -22.19 -12.35
N LYS A 17 7.38 -22.24 -12.71
CA LYS A 17 6.63 -21.04 -13.04
C LYS A 17 6.58 -20.09 -11.83
N SER A 18 6.26 -20.63 -10.67
CA SER A 18 6.17 -19.82 -9.46
C SER A 18 7.54 -19.34 -9.01
N ALA A 19 8.54 -20.21 -9.07
CA ALA A 19 9.88 -19.80 -8.66
C ALA A 19 10.40 -18.65 -9.54
N LEU A 20 10.13 -18.72 -10.85
CA LEU A 20 10.50 -17.63 -11.75
C LEU A 20 9.80 -16.33 -11.39
N THR A 21 8.50 -16.42 -11.14
CA THR A 21 7.71 -15.24 -10.84
C THR A 21 8.17 -14.60 -9.53
N ILE A 22 8.38 -15.42 -8.50
CA ILE A 22 8.75 -14.89 -7.20
C ILE A 22 10.19 -14.34 -7.22
N GLN A 23 11.06 -14.96 -8.01
CA GLN A 23 12.40 -14.43 -8.18
C GLN A 23 12.31 -13.05 -8.82
N LEU A 24 11.45 -12.88 -9.81
CA LEU A 24 11.27 -11.56 -10.44
C LEU A 24 10.70 -10.53 -9.45
N ILE A 25 9.69 -10.94 -8.69
CA ILE A 25 8.96 -10.02 -7.81
C ILE A 25 9.77 -9.66 -6.56
N GLN A 26 10.35 -10.67 -5.92
CA GLN A 26 10.97 -10.49 -4.60
C GLN A 26 12.48 -10.71 -4.55
N ASN A 27 13.08 -11.10 -5.67
CA ASN A 27 14.51 -11.46 -5.73
C ASN A 27 14.86 -12.60 -4.79
N HIS A 28 13.95 -13.56 -4.66
CA HIS A 28 14.09 -14.64 -3.71
C HIS A 28 13.80 -15.98 -4.41
N PHE A 29 14.61 -17.01 -4.14
CA PHE A 29 14.38 -18.33 -4.73
C PHE A 29 13.58 -19.21 -3.80
N VAL A 30 12.45 -19.72 -4.29
CA VAL A 30 11.61 -20.62 -3.53
C VAL A 30 12.07 -22.06 -3.73
N ASP A 31 12.52 -22.68 -2.66
CA ASP A 31 12.98 -24.06 -2.72
C ASP A 31 11.84 -25.07 -2.67
N GLU A 32 10.75 -24.70 -2.00
CA GLU A 32 9.61 -25.58 -1.84
C GLU A 32 8.84 -25.72 -3.14
N TYR A 33 8.17 -26.86 -3.29
CA TYR A 33 7.32 -27.16 -4.44
C TYR A 33 5.86 -27.20 -3.94
N ASP A 34 5.23 -26.03 -3.89
CA ASP A 34 3.83 -25.89 -3.51
C ASP A 34 2.97 -25.66 -4.76
N PRO A 35 2.32 -26.71 -5.26
CA PRO A 35 1.54 -26.54 -6.50
C PRO A 35 0.55 -25.39 -6.43
N THR A 36 0.58 -24.57 -7.47
CA THR A 36 -0.23 -23.36 -7.53
C THR A 36 -1.64 -23.70 -8.01
N ILE A 37 -2.62 -22.92 -7.57
CA ILE A 37 -3.95 -22.99 -8.15
C ILE A 37 -4.10 -21.79 -9.07
N GLU A 38 -4.04 -20.59 -8.51
CA GLU A 38 -3.86 -19.38 -9.31
C GLU A 38 -3.44 -18.21 -8.41
N ASP A 39 -2.30 -17.62 -8.72
CA ASP A 39 -1.76 -16.48 -7.96
C ASP A 39 -1.55 -15.27 -8.86
N SER A 40 -1.60 -14.09 -8.28
CA SER A 40 -1.49 -12.85 -9.01
C SER A 40 -0.43 -11.94 -8.36
N TYR A 41 0.42 -11.32 -9.18
CA TYR A 41 1.44 -10.39 -8.68
C TYR A 41 1.47 -9.09 -9.49
N ARG A 42 1.92 -8.01 -8.88
CA ARG A 42 2.13 -6.77 -9.61
C ARG A 42 3.53 -6.23 -9.41
N LYS A 43 4.07 -5.61 -10.45
CA LYS A 43 5.41 -5.06 -10.43
C LYS A 43 5.49 -3.80 -11.30
N GLN A 44 5.80 -2.69 -10.66
CA GLN A 44 6.15 -1.46 -11.37
C GLN A 44 7.62 -1.52 -11.75
N VAL A 45 7.91 -1.31 -13.02
CA VAL A 45 9.29 -1.44 -13.49
C VAL A 45 9.50 -0.58 -14.74
N VAL A 46 10.71 -0.04 -14.87
CA VAL A 46 11.04 0.74 -16.06
C VAL A 46 11.68 -0.17 -17.09
N ILE A 47 11.08 -0.27 -18.27
CA ILE A 47 11.62 -1.10 -19.34
C ILE A 47 11.81 -0.23 -20.58
N ASP A 48 13.03 -0.25 -21.13
CA ASP A 48 13.38 0.62 -22.27
C ASP A 48 12.98 2.07 -22.02
N GLY A 49 13.19 2.55 -20.80
CA GLY A 49 12.95 3.94 -20.46
C GLY A 49 11.51 4.30 -20.18
N GLU A 50 10.60 3.33 -20.30
CA GLU A 50 9.19 3.58 -20.02
C GLU A 50 8.73 2.83 -18.77
N THR A 51 8.10 3.53 -17.86
CA THR A 51 7.58 2.88 -16.67
C THR A 51 6.35 2.02 -17.01
N CYS A 52 6.42 0.73 -16.63
CA CYS A 52 5.36 -0.26 -16.90
C CYS A 52 4.76 -0.73 -15.58
N LEU A 53 3.49 -1.10 -15.58
CA LEU A 53 2.94 -1.86 -14.46
C LEU A 53 2.59 -3.28 -14.96
N LEU A 54 3.35 -4.27 -14.49
CA LEU A 54 3.11 -5.66 -14.88
C LEU A 54 2.12 -6.34 -13.94
N ASP A 55 1.04 -6.89 -14.49
CA ASP A 55 0.16 -7.82 -13.76
C ASP A 55 0.52 -9.24 -14.17
N ILE A 56 1.03 -10.05 -13.24
CA ILE A 56 1.49 -11.36 -13.62
C ILE A 56 0.58 -12.43 -13.00
N LEU A 57 -0.03 -13.21 -13.87
CA LEU A 57 -0.84 -14.34 -13.43
C LEU A 57 -0.03 -15.63 -13.45
N ASP A 58 0.11 -16.24 -12.27
CA ASP A 58 0.87 -17.45 -12.09
C ASP A 58 -0.13 -18.61 -12.03
N THR A 59 -0.04 -19.56 -12.97
CA THR A 59 -1.11 -20.55 -13.15
C THR A 59 -0.74 -21.96 -12.69
N ALA A 60 -1.72 -22.85 -12.73
CA ALA A 60 -1.55 -24.23 -12.30
C ALA A 60 -1.03 -25.10 -13.44
N GLY A 61 0.04 -25.82 -13.19
CA GLY A 61 0.52 -26.81 -14.14
C GLY A 61 -0.03 -28.21 -13.91
N GLN A 62 -0.49 -28.52 -12.69
CA GLN A 62 -0.96 -29.90 -12.43
C GLN A 62 -2.15 -30.21 -13.34
N GLU A 63 -2.17 -31.42 -13.90
CA GLU A 63 -3.20 -31.80 -14.87
C GLU A 63 -4.61 -31.73 -14.30
N GLU A 64 -4.72 -31.93 -12.99
CA GLU A 64 -6.02 -31.88 -12.34
C GLU A 64 -6.69 -30.52 -12.50
N ALA A 65 -5.92 -29.50 -12.88
CA ALA A 65 -6.49 -28.18 -13.06
C ALA A 65 -6.71 -27.84 -14.53
N SER A 66 -6.56 -28.81 -15.43
CA SER A 66 -6.49 -28.53 -16.87
C SER A 66 -7.78 -27.96 -17.46
N ALA A 67 -8.89 -28.11 -16.76
CA ALA A 67 -10.17 -27.64 -17.30
C ALA A 67 -10.43 -26.17 -17.01
N MET A 68 -9.50 -25.53 -16.32
CA MET A 68 -9.72 -24.15 -15.89
C MET A 68 -8.81 -23.12 -16.58
N ARG A 69 -8.24 -23.49 -17.72
CA ARG A 69 -7.25 -22.64 -18.39
C ARG A 69 -7.85 -21.57 -19.29
N ASP A 70 -8.94 -21.91 -19.97
CA ASP A 70 -9.60 -20.98 -20.88
C ASP A 70 -9.78 -19.63 -20.21
N GLN A 71 -10.21 -19.65 -18.95
N GLN A 71 -10.17 -19.72 -18.94
CA GLN A 71 -10.61 -18.41 -18.29
CA GLN A 71 -10.58 -18.60 -18.12
C GLN A 71 -9.43 -17.43 -18.18
C GLN A 71 -9.50 -17.51 -18.00
N TYR A 72 -8.26 -17.91 -17.81
CA TYR A 72 -7.13 -16.98 -17.72
C TYR A 72 -6.52 -16.66 -19.08
N MET A 73 -6.65 -17.56 -20.04
CA MET A 73 -6.11 -17.30 -21.36
C MET A 73 -6.85 -16.15 -22.02
N ARG A 74 -8.12 -15.98 -21.69
CA ARG A 74 -8.90 -14.88 -22.28
C ARG A 74 -8.36 -13.52 -21.85
N THR A 75 -7.97 -13.40 -20.59
CA THR A 75 -7.53 -12.11 -20.06
C THR A 75 -6.07 -11.77 -20.41
N GLY A 76 -5.22 -12.79 -20.49
CA GLY A 76 -3.81 -12.53 -20.76
C GLY A 76 -3.51 -11.81 -22.06
N GLU A 77 -2.57 -10.87 -22.03
CA GLU A 77 -2.13 -10.18 -23.23
C GLU A 77 -0.87 -10.84 -23.79
N GLY A 78 -0.14 -11.52 -22.92
CA GLY A 78 1.10 -12.18 -23.32
C GLY A 78 1.37 -13.37 -22.44
N PHE A 79 2.06 -14.37 -22.98
CA PHE A 79 2.26 -15.63 -22.28
C PHE A 79 3.70 -16.09 -22.25
N LEU A 80 4.18 -16.38 -21.04
CA LEU A 80 5.44 -17.08 -20.84
C LEU A 80 5.15 -18.59 -20.84
N CYS A 81 5.61 -19.29 -21.88
CA CYS A 81 5.44 -20.74 -21.99
C CYS A 81 6.67 -21.46 -21.47
N VAL A 82 6.54 -22.04 -20.29
CA VAL A 82 7.71 -22.50 -19.55
C VAL A 82 7.80 -24.04 -19.57
N PHE A 83 8.98 -24.55 -19.87
CA PHE A 83 9.29 -25.97 -19.64
C PHE A 83 10.60 -26.04 -18.86
N ALA A 84 10.97 -27.23 -18.39
CA ALA A 84 12.24 -27.38 -17.69
C ALA A 84 13.21 -28.17 -18.57
N ILE A 85 14.45 -27.70 -18.68
CA ILE A 85 15.39 -28.31 -19.62
C ILE A 85 15.85 -29.70 -19.16
N ASN A 86 15.47 -30.10 -17.96
CA ASN A 86 15.76 -31.44 -17.49
C ASN A 86 14.51 -32.31 -17.47
N ASN A 87 13.48 -31.88 -18.19
CA ASN A 87 12.22 -32.62 -18.22
C ASN A 87 11.61 -32.64 -19.62
N THR A 88 11.83 -33.74 -20.34
CA THR A 88 11.40 -33.86 -21.73
C THR A 88 9.90 -33.78 -21.89
N LYS A 89 9.17 -34.40 -20.97
CA LYS A 89 7.72 -34.37 -21.01
C LYS A 89 7.18 -32.94 -20.93
N SER A 90 7.78 -32.10 -20.09
CA SER A 90 7.33 -30.71 -19.99
C SER A 90 7.53 -29.96 -21.30
N PHE A 91 8.62 -30.29 -22.01
CA PHE A 91 8.85 -29.72 -23.34
C PHE A 91 7.78 -30.17 -24.33
N GLU A 92 7.44 -31.46 -24.30
CA GLU A 92 6.36 -31.97 -25.13
C GLU A 92 5.00 -31.33 -24.78
N ASP A 93 4.82 -30.96 -23.50
CA ASP A 93 3.56 -30.32 -23.08
C ASP A 93 3.38 -28.91 -23.63
N ILE A 94 4.49 -28.26 -24.01
CA ILE A 94 4.43 -26.90 -24.54
C ILE A 94 3.46 -26.72 -25.69
N HIS A 95 3.51 -27.62 -26.65
CA HIS A 95 2.72 -27.42 -27.85
C HIS A 95 1.23 -27.38 -27.52
N GLN A 96 0.81 -28.10 -26.47
CA GLN A 96 -0.59 -28.07 -26.06
C GLN A 96 -1.01 -26.70 -25.52
N TYR A 97 -0.12 -26.06 -24.76
CA TYR A 97 -0.39 -24.73 -24.27
C TYR A 97 -0.47 -23.73 -25.43
N ARG A 98 0.51 -23.78 -26.33
CA ARG A 98 0.52 -22.91 -27.51
CA ARG A 98 0.52 -22.91 -27.50
C ARG A 98 -0.78 -23.01 -28.30
N GLU A 99 -1.21 -24.22 -28.59
CA GLU A 99 -2.42 -24.41 -29.37
C GLU A 99 -3.66 -23.93 -28.64
N GLN A 100 -3.75 -24.24 -27.34
CA GLN A 100 -4.92 -23.80 -26.60
C GLN A 100 -4.98 -22.28 -26.54
N ILE A 101 -3.84 -21.62 -26.35
CA ILE A 101 -3.83 -20.16 -26.29
C ILE A 101 -4.34 -19.58 -27.63
N LYS A 102 -3.81 -20.10 -28.72
CA LYS A 102 -4.26 -19.66 -30.04
C LYS A 102 -5.76 -19.88 -30.22
N ARG A 103 -6.25 -21.02 -29.77
N ARG A 103 -6.22 -21.04 -29.76
CA ARG A 103 -7.68 -21.32 -29.89
CA ARG A 103 -7.63 -21.41 -29.81
C ARG A 103 -8.50 -20.33 -29.09
C ARG A 103 -8.48 -20.38 -29.10
N VAL A 104 -8.18 -20.17 -27.81
CA VAL A 104 -8.94 -19.29 -26.95
C VAL A 104 -8.98 -17.85 -27.45
N LYS A 105 -7.83 -17.34 -27.86
CA LYS A 105 -7.77 -15.94 -28.25
C LYS A 105 -8.12 -15.79 -29.73
N ASP A 106 -8.37 -16.93 -30.39
CA ASP A 106 -8.68 -17.00 -31.82
C ASP A 106 -7.72 -16.14 -32.62
N SER A 107 -6.43 -16.40 -32.43
CA SER A 107 -5.42 -15.63 -33.09
C SER A 107 -4.15 -16.42 -33.26
N ASP A 108 -3.47 -16.16 -34.37
CA ASP A 108 -2.21 -16.78 -34.69
C ASP A 108 -1.06 -15.88 -34.24
N ASP A 109 -1.43 -14.70 -33.73
CA ASP A 109 -0.47 -13.64 -33.44
C ASP A 109 -0.50 -13.19 -31.97
N VAL A 110 -0.32 -14.12 -31.05
CA VAL A 110 -0.37 -13.83 -29.63
C VAL A 110 1.06 -13.69 -29.09
N PRO A 111 1.34 -12.59 -28.39
CA PRO A 111 2.68 -12.40 -27.79
C PRO A 111 3.05 -13.55 -26.86
N MET A 112 4.20 -14.16 -27.10
CA MET A 112 4.67 -15.27 -26.27
C MET A 112 6.16 -15.33 -26.27
N VAL A 113 6.71 -15.91 -25.22
CA VAL A 113 8.12 -16.23 -25.13
C VAL A 113 8.21 -17.68 -24.68
N LEU A 114 9.08 -18.45 -25.33
CA LEU A 114 9.38 -19.81 -24.90
C LEU A 114 10.51 -19.78 -23.87
N VAL A 115 10.27 -20.38 -22.71
CA VAL A 115 11.25 -20.34 -21.63
C VAL A 115 11.72 -21.73 -21.22
N GLY A 116 13.02 -21.97 -21.30
CA GLY A 116 13.61 -23.21 -20.84
C GLY A 116 14.22 -23.00 -19.47
N ASN A 117 13.49 -23.38 -18.42
CA ASN A 117 13.92 -23.10 -17.04
C ASN A 117 14.81 -24.18 -16.42
N LYS A 118 15.41 -23.83 -15.27
CA LYS A 118 16.35 -24.67 -14.53
C LYS A 118 17.67 -24.86 -15.26
N CYS A 119 18.15 -23.82 -15.93
CA CYS A 119 19.37 -23.96 -16.72
C CYS A 119 20.61 -24.00 -15.82
N ASP A 120 20.42 -23.82 -14.52
CA ASP A 120 21.52 -23.98 -13.56
C ASP A 120 21.90 -25.46 -13.38
N LEU A 121 21.01 -26.36 -13.76
CA LEU A 121 21.26 -27.80 -13.59
C LEU A 121 22.05 -28.38 -14.77
N ALA A 122 23.09 -29.15 -14.47
CA ALA A 122 23.93 -29.74 -15.51
C ALA A 122 23.20 -30.86 -16.27
N ALA A 123 22.34 -31.60 -15.58
CA ALA A 123 21.69 -32.76 -16.18
C ALA A 123 20.58 -32.37 -17.17
N ARG A 124 20.94 -31.71 -18.26
CA ARG A 124 19.99 -31.33 -19.31
C ARG A 124 19.50 -32.51 -20.17
N THR A 125 18.21 -32.56 -20.47
CA THR A 125 17.68 -33.57 -21.39
C THR A 125 16.99 -32.97 -22.63
N VAL A 126 16.74 -31.67 -22.61
CA VAL A 126 16.22 -30.99 -23.79
C VAL A 126 17.30 -30.09 -24.35
N GLU A 127 17.69 -30.29 -25.60
CA GLU A 127 18.78 -29.50 -26.16
C GLU A 127 18.28 -28.12 -26.60
N SER A 128 19.14 -27.12 -26.48
CA SER A 128 18.80 -25.75 -26.87
C SER A 128 18.30 -25.67 -28.30
N ARG A 129 19.00 -26.36 -29.20
CA ARG A 129 18.64 -26.34 -30.62
C ARG A 129 17.20 -26.81 -30.85
N GLN A 130 16.82 -27.88 -30.18
CA GLN A 130 15.46 -28.42 -30.28
C GLN A 130 14.43 -27.38 -29.85
N ALA A 131 14.65 -26.74 -28.71
CA ALA A 131 13.75 -25.69 -28.25
C ALA A 131 13.79 -24.47 -29.19
N GLN A 132 14.97 -24.14 -29.67
CA GLN A 132 15.09 -22.99 -30.57
C GLN A 132 14.33 -23.23 -31.86
N ASP A 133 14.40 -24.44 -32.41
CA ASP A 133 13.65 -24.79 -33.63
C ASP A 133 12.17 -24.60 -33.42
N LEU A 134 11.68 -25.04 -32.27
CA LEU A 134 10.25 -24.90 -31.97
C LEU A 134 9.86 -23.43 -31.88
N ALA A 135 10.67 -22.65 -31.19
CA ALA A 135 10.40 -21.23 -31.03
C ALA A 135 10.33 -20.54 -32.39
N ARG A 136 11.26 -20.88 -33.28
CA ARG A 136 11.25 -20.28 -34.62
C ARG A 136 9.97 -20.66 -35.36
N SER A 137 9.52 -21.91 -35.20
CA SER A 137 8.29 -22.34 -35.85
C SER A 137 7.09 -21.58 -35.30
N TYR A 138 7.21 -21.05 -34.09
CA TYR A 138 6.15 -20.24 -33.47
C TYR A 138 6.32 -18.75 -33.75
N GLY A 139 7.52 -18.36 -34.19
CA GLY A 139 7.83 -16.95 -34.42
C GLY A 139 8.10 -16.17 -33.14
N ILE A 140 8.67 -16.83 -32.14
CA ILE A 140 8.86 -16.21 -30.83
C ILE A 140 10.27 -16.48 -30.33
N PRO A 141 10.77 -15.64 -29.41
CA PRO A 141 12.10 -15.87 -28.87
C PRO A 141 12.13 -17.03 -27.88
N TYR A 142 13.33 -17.57 -27.67
CA TYR A 142 13.58 -18.64 -26.72
C TYR A 142 14.61 -18.14 -25.73
N ILE A 143 14.29 -18.19 -24.45
CA ILE A 143 15.22 -17.73 -23.42
C ILE A 143 15.37 -18.80 -22.35
N GLU A 144 16.63 -19.17 -22.05
CA GLU A 144 16.88 -20.12 -20.97
C GLU A 144 17.07 -19.36 -19.68
N THR A 145 16.48 -19.89 -18.62
CA THR A 145 16.42 -19.18 -17.34
C THR A 145 16.80 -20.07 -16.17
N SER A 146 17.16 -19.42 -15.06
CA SER A 146 17.24 -20.08 -13.78
C SER A 146 16.58 -19.20 -12.73
N ALA A 147 15.51 -19.68 -12.13
CA ALA A 147 14.89 -18.97 -11.03
C ALA A 147 15.80 -18.99 -9.81
N LYS A 148 16.71 -19.95 -9.77
CA LYS A 148 17.62 -20.09 -8.64
C LYS A 148 18.73 -19.04 -8.66
N THR A 149 19.36 -18.84 -9.81
CA THR A 149 20.48 -17.91 -9.91
C THR A 149 20.11 -16.53 -10.48
N ARG A 150 18.87 -16.40 -10.96
CA ARG A 150 18.35 -15.23 -11.70
C ARG A 150 18.76 -15.16 -13.17
N GLN A 151 19.58 -16.10 -13.63
CA GLN A 151 20.02 -16.05 -15.03
C GLN A 151 18.82 -15.99 -15.97
N GLY A 152 18.79 -14.97 -16.82
CA GLY A 152 17.75 -14.84 -17.83
C GLY A 152 16.35 -14.45 -17.40
N VAL A 153 16.13 -14.27 -16.09
CA VAL A 153 14.77 -14.08 -15.59
C VAL A 153 14.19 -12.73 -16.03
N GLU A 154 14.93 -11.64 -15.83
CA GLU A 154 14.43 -10.35 -16.32
C GLU A 154 14.30 -10.36 -17.84
N ASP A 155 15.24 -10.99 -18.51
CA ASP A 155 15.21 -11.03 -19.98
C ASP A 155 13.93 -11.70 -20.48
N ALA A 156 13.54 -12.82 -19.86
CA ALA A 156 12.34 -13.53 -20.30
C ALA A 156 11.09 -12.68 -20.10
N PHE A 157 10.91 -12.12 -18.91
CA PHE A 157 9.71 -11.34 -18.64
C PHE A 157 9.68 -10.05 -19.43
N TYR A 158 10.81 -9.35 -19.52
CA TYR A 158 10.79 -8.04 -20.17
C TYR A 158 10.75 -8.20 -21.70
N THR A 159 11.29 -9.30 -22.21
CA THR A 159 11.11 -9.60 -23.63
C THR A 159 9.63 -9.77 -23.93
N LEU A 160 8.89 -10.48 -23.07
CA LEU A 160 7.44 -10.62 -23.27
C LEU A 160 6.74 -9.25 -23.25
N VAL A 161 7.15 -8.36 -22.35
CA VAL A 161 6.58 -7.02 -22.31
C VAL A 161 6.77 -6.32 -23.67
N ARG A 162 7.98 -6.41 -24.22
CA ARG A 162 8.29 -5.79 -25.52
C ARG A 162 7.38 -6.30 -26.64
N GLU A 163 7.07 -7.58 -26.61
CA GLU A 163 6.20 -8.18 -27.61
C GLU A 163 4.77 -7.68 -27.51
N ILE A 164 4.28 -7.55 -26.29
CA ILE A 164 2.95 -6.97 -26.08
C ILE A 164 2.95 -5.52 -26.56
N ARG A 165 4.01 -4.80 -26.25
N ARG A 165 4.00 -4.79 -26.23
CA ARG A 165 4.15 -3.39 -26.60
CA ARG A 165 4.17 -3.41 -26.61
C ARG A 165 4.11 -3.17 -28.12
C ARG A 165 4.06 -3.20 -28.12
N GLN A 166 4.70 -4.09 -28.87
CA GLN A 166 4.72 -3.99 -30.33
C GLN A 166 3.54 -4.67 -31.00
N HIS A 167 2.71 -5.36 -30.22
CA HIS A 167 1.56 -6.06 -30.78
C HIS A 167 0.61 -5.10 -31.47
N GLY B 1 -9.19 35.19 -11.94
CA GLY B 1 -10.27 34.32 -11.52
C GLY B 1 -10.84 34.70 -10.17
N MET B 2 -11.46 33.74 -9.51
CA MET B 2 -12.01 33.96 -8.18
C MET B 2 -10.94 33.83 -7.11
N THR B 3 -11.25 34.31 -5.92
CA THR B 3 -10.36 34.14 -4.80
C THR B 3 -10.34 32.67 -4.41
N GLU B 4 -9.16 32.15 -4.09
CA GLU B 4 -9.04 30.80 -3.58
C GLU B 4 -8.55 30.87 -2.13
N TYR B 5 -9.24 30.19 -1.23
CA TYR B 5 -8.83 30.16 0.17
C TYR B 5 -8.20 28.81 0.53
N LYS B 6 -7.02 28.85 1.15
CA LYS B 6 -6.33 27.65 1.60
C LYS B 6 -6.69 27.38 3.05
N LEU B 7 -7.59 26.44 3.26
CA LEU B 7 -8.06 26.14 4.61
C LEU B 7 -7.35 24.89 5.14
N VAL B 8 -7.01 24.88 6.43
CA VAL B 8 -6.37 23.71 7.03
C VAL B 8 -7.14 23.20 8.26
N VAL B 9 -7.46 21.92 8.25
CA VAL B 9 -8.16 21.27 9.36
C VAL B 9 -7.15 20.60 10.28
N VAL B 10 -7.19 20.93 11.57
CA VAL B 10 -6.31 20.28 12.53
C VAL B 10 -7.12 19.78 13.72
N GLY B 11 -6.59 18.78 14.41
CA GLY B 11 -7.23 18.28 15.63
C GLY B 11 -6.85 16.84 15.93
N ALA B 12 -7.22 16.36 17.11
CA ALA B 12 -6.88 15.00 17.53
C ALA B 12 -7.39 13.96 16.54
N GLY B 13 -6.65 12.87 16.39
CA GLY B 13 -7.08 11.77 15.54
C GLY B 13 -8.01 10.80 16.25
N GLY B 14 -8.63 9.90 15.47
CA GLY B 14 -9.41 8.81 16.02
C GLY B 14 -10.80 9.16 16.55
N VAL B 15 -11.23 10.40 16.31
CA VAL B 15 -12.51 10.85 16.84
C VAL B 15 -13.35 11.57 15.79
N GLY B 16 -13.32 11.06 14.56
CA GLY B 16 -14.23 11.51 13.51
C GLY B 16 -13.98 12.87 12.86
N LYS B 17 -12.80 13.43 13.08
CA LYS B 17 -12.40 14.71 12.47
C LYS B 17 -12.65 14.78 10.96
N SER B 18 -12.34 13.68 10.27
CA SER B 18 -12.41 13.65 8.81
C SER B 18 -13.82 13.82 8.23
N ALA B 19 -14.84 13.61 9.05
CA ALA B 19 -16.23 13.70 8.58
C ALA B 19 -16.60 15.12 8.16
N LEU B 20 -15.95 16.09 8.80
CA LEU B 20 -16.25 17.50 8.53
C LEU B 20 -16.00 17.85 7.05
N THR B 21 -14.79 17.62 6.58
CA THR B 21 -14.46 17.97 5.22
C THR B 21 -15.12 17.04 4.21
N ILE B 22 -15.21 15.76 4.54
CA ILE B 22 -15.90 14.79 3.70
C ILE B 22 -17.35 15.22 3.48
N GLN B 23 -18.06 15.57 4.54
CA GLN B 23 -19.46 15.97 4.41
C GLN B 23 -19.61 17.24 3.58
N LEU B 24 -18.68 18.18 3.74
CA LEU B 24 -18.70 19.40 2.94
C LEU B 24 -18.52 19.12 1.46
N ILE B 25 -17.38 18.51 1.12
CA ILE B 25 -16.92 18.36 -0.25
C ILE B 25 -17.83 17.41 -0.98
N GLN B 26 -18.36 16.46 -0.21
CA GLN B 26 -19.18 15.39 -0.73
C GLN B 26 -20.32 15.86 -1.58
N ASN B 27 -20.84 14.88 -2.30
CA ASN B 27 -22.09 14.88 -3.06
C ASN B 27 -22.85 16.22 -3.42
N HIS B 28 -23.77 16.81 -2.63
CA HIS B 28 -23.92 16.65 -1.19
C HIS B 28 -25.20 15.86 -0.79
N PHE B 29 -25.65 14.96 -1.68
CA PHE B 29 -26.75 14.02 -1.36
C PHE B 29 -26.56 12.53 -1.74
N VAL B 30 -25.34 12.07 -1.93
CA VAL B 30 -25.09 10.63 -2.05
C VAL B 30 -23.87 10.21 -1.25
N ASP B 31 -24.11 9.60 -0.09
CA ASP B 31 -23.03 9.20 0.82
C ASP B 31 -22.02 8.26 0.17
N GLU B 32 -20.95 8.84 -0.37
CA GLU B 32 -19.84 8.10 -0.95
C GLU B 32 -18.66 9.06 -1.10
N TYR B 33 -17.48 8.53 -1.40
CA TYR B 33 -16.27 9.34 -1.38
C TYR B 33 -15.05 8.60 -1.93
N ASP B 34 -14.30 9.29 -2.78
CA ASP B 34 -13.00 8.81 -3.21
C ASP B 34 -11.94 9.90 -2.99
N PRO B 35 -11.19 9.79 -1.89
CA PRO B 35 -10.22 10.84 -1.51
C PRO B 35 -9.06 10.87 -2.48
N THR B 36 -9.00 9.84 -3.31
CA THR B 36 -7.92 9.64 -4.26
C THR B 36 -7.95 10.65 -5.41
N ILE B 37 -9.12 11.22 -5.70
CA ILE B 37 -9.21 12.14 -6.84
C ILE B 37 -9.21 13.60 -6.41
N GLU B 38 -8.48 14.43 -7.14
CA GLU B 38 -8.50 15.86 -6.86
C GLU B 38 -9.90 16.32 -7.25
N ASP B 39 -10.44 17.25 -6.45
CA ASP B 39 -11.85 17.70 -6.43
C ASP B 39 -12.57 16.94 -5.31
N SER B 40 -11.83 16.07 -4.62
CA SER B 40 -12.27 15.53 -3.35
C SER B 40 -11.90 16.48 -2.21
N TYR B 41 -11.17 17.55 -2.53
CA TYR B 41 -10.80 18.56 -1.53
C TYR B 41 -10.79 19.99 -2.08
N ARG B 42 -11.37 20.18 -3.26
CA ARG B 42 -11.55 21.51 -3.84
C ARG B 42 -13.04 21.74 -4.11
N LYS B 43 -13.54 22.93 -3.76
CA LYS B 43 -14.97 23.17 -3.86
C LYS B 43 -15.31 24.63 -4.10
N GLN B 44 -16.13 24.87 -5.11
CA GLN B 44 -16.56 26.21 -5.45
C GLN B 44 -17.84 26.52 -4.71
N VAL B 45 -17.83 27.63 -3.98
CA VAL B 45 -18.96 28.01 -3.15
C VAL B 45 -19.29 29.49 -3.29
N VAL B 46 -20.51 29.85 -2.93
CA VAL B 46 -20.90 31.25 -2.85
C VAL B 46 -21.15 31.60 -1.40
N ILE B 47 -20.37 32.54 -0.90
CA ILE B 47 -20.49 32.98 0.48
C ILE B 47 -20.76 34.47 0.51
N ASP B 48 -21.89 34.85 1.12
CA ASP B 48 -22.33 36.24 1.17
C ASP B 48 -22.31 36.89 -0.22
N GLY B 49 -22.72 36.14 -1.23
CA GLY B 49 -22.84 36.67 -2.57
C GLY B 49 -21.58 36.61 -3.40
N GLU B 50 -20.45 36.32 -2.77
CA GLU B 50 -19.19 36.28 -3.51
C GLU B 50 -18.70 34.85 -3.73
N THR B 51 -18.58 34.49 -5.00
CA THR B 51 -18.10 33.17 -5.39
C THR B 51 -16.61 33.03 -5.09
N CYS B 52 -16.23 31.90 -4.50
CA CYS B 52 -14.83 31.62 -4.23
C CYS B 52 -14.53 30.14 -4.31
N LEU B 53 -13.24 29.81 -4.24
CA LEU B 53 -12.78 28.43 -4.32
C LEU B 53 -12.15 28.01 -2.98
N LEU B 54 -12.64 26.93 -2.41
CA LEU B 54 -12.09 26.41 -1.17
C LEU B 54 -11.11 25.28 -1.45
N ASP B 55 -9.87 25.44 -1.00
CA ASP B 55 -8.94 24.29 -1.01
C ASP B 55 -8.72 23.84 0.42
N ILE B 56 -9.15 22.62 0.74
CA ILE B 56 -9.10 22.12 2.11
CA ILE B 56 -9.06 22.16 2.12
C ILE B 56 -8.01 21.07 2.29
N LEU B 57 -7.10 21.31 3.22
CA LEU B 57 -6.12 20.30 3.58
C LEU B 57 -6.57 19.65 4.87
N ASP B 58 -6.85 18.36 4.79
CA ASP B 58 -7.18 17.58 5.98
C ASP B 58 -6.33 16.33 5.91
N THR B 59 -5.30 16.28 6.76
CA THR B 59 -4.39 15.14 6.79
C THR B 59 -4.80 14.11 7.83
N ALA B 60 -6.10 14.03 8.13
CA ALA B 60 -6.64 13.03 9.05
C ALA B 60 -5.98 11.67 8.82
N GLY B 61 -5.52 11.03 9.89
CA GLY B 61 -4.82 9.75 9.77
C GLY B 61 -3.32 9.88 9.92
N GLN B 62 -2.80 11.10 9.74
CA GLN B 62 -1.36 11.34 9.83
C GLN B 62 -0.92 11.98 11.14
N GLU B 63 -1.77 11.89 12.16
CA GLU B 63 -1.54 12.59 13.41
C GLU B 63 -0.24 12.17 14.11
N GLU B 64 0.20 10.93 13.93
CA GLU B 64 1.41 10.46 14.59
CA GLU B 64 1.42 10.46 14.60
C GLU B 64 2.67 11.07 13.94
N TYR B 65 2.55 11.54 12.70
CA TYR B 65 3.66 12.29 12.08
C TYR B 65 3.67 13.70 12.68
N SER B 66 3.99 13.81 13.96
CA SER B 66 3.84 15.08 14.68
C SER B 66 4.83 16.16 14.23
N ALA B 67 5.99 15.76 13.70
CA ALA B 67 6.98 16.74 13.23
C ALA B 67 6.64 17.30 11.84
N MET B 68 5.59 16.78 11.21
CA MET B 68 5.10 17.32 9.94
C MET B 68 4.02 18.37 10.11
N ARG B 69 3.55 18.59 11.34
CA ARG B 69 2.45 19.53 11.53
C ARG B 69 2.79 20.96 11.06
N ASP B 70 3.98 21.44 11.41
CA ASP B 70 4.40 22.76 10.96
C ASP B 70 4.31 22.89 9.45
N GLN B 71 4.84 21.90 8.75
CA GLN B 71 4.83 21.93 7.31
C GLN B 71 3.42 21.96 6.71
N TYR B 72 2.52 21.14 7.25
CA TYR B 72 1.16 21.12 6.77
C TYR B 72 0.47 22.46 7.09
N MET B 73 0.64 22.94 8.32
CA MET B 73 -0.02 24.16 8.77
C MET B 73 0.43 25.37 7.96
N ARG B 74 1.70 25.37 7.57
CA ARG B 74 2.32 26.50 6.86
C ARG B 74 1.58 26.83 5.57
N THR B 75 0.98 25.81 4.95
CA THR B 75 0.26 26.00 3.69
C THR B 75 -1.07 26.75 3.79
N GLY B 76 -1.55 27.03 5.01
CA GLY B 76 -2.91 27.53 5.15
C GLY B 76 -3.06 28.99 5.54
N GLU B 77 -4.16 29.62 5.14
CA GLU B 77 -4.46 30.99 5.58
C GLU B 77 -5.50 31.02 6.68
N GLY B 78 -6.30 29.96 6.79
CA GLY B 78 -7.31 29.87 7.83
C GLY B 78 -7.38 28.45 8.37
N PHE B 79 -7.76 28.31 9.64
CA PHE B 79 -7.67 27.02 10.30
C PHE B 79 -8.97 26.65 11.02
N LEU B 80 -9.39 25.41 10.85
CA LEU B 80 -10.43 24.85 11.69
C LEU B 80 -9.78 23.95 12.73
N CYS B 81 -9.93 24.32 14.00
CA CYS B 81 -9.42 23.51 15.10
C CYS B 81 -10.54 22.65 15.66
N VAL B 82 -10.44 21.35 15.43
CA VAL B 82 -11.54 20.41 15.67
C VAL B 82 -11.29 19.49 16.86
N PHE B 83 -12.26 19.44 17.76
CA PHE B 83 -12.24 18.47 18.85
C PHE B 83 -13.56 17.70 18.79
N ALA B 84 -13.61 16.54 19.45
CA ALA B 84 -14.85 15.77 19.54
C ALA B 84 -15.53 16.05 20.88
N ILE B 85 -16.84 16.25 20.86
CA ILE B 85 -17.53 16.67 22.06
C ILE B 85 -17.64 15.52 23.06
N ASN B 86 -17.35 14.30 22.64
CA ASN B 86 -17.31 13.17 23.59
C ASN B 86 -15.89 12.74 23.96
N ASN B 87 -14.92 13.61 23.68
CA ASN B 87 -13.54 13.29 24.01
C ASN B 87 -12.82 14.50 24.59
N THR B 88 -12.72 14.51 25.92
CA THR B 88 -12.18 15.66 26.64
C THR B 88 -10.72 15.92 26.30
N LYS B 89 -9.95 14.86 26.11
CA LYS B 89 -8.54 15.03 25.73
C LYS B 89 -8.42 15.84 24.45
N SER B 90 -9.26 15.54 23.46
CA SER B 90 -9.19 16.26 22.18
C SER B 90 -9.49 17.75 22.37
N PHE B 91 -10.37 18.05 23.33
CA PHE B 91 -10.69 19.44 23.68
C PHE B 91 -9.50 20.11 24.36
N GLU B 92 -8.87 19.40 25.29
CA GLU B 92 -7.69 19.91 25.99
C GLU B 92 -6.50 20.10 25.05
N ASP B 93 -6.48 19.36 23.96
CA ASP B 93 -5.43 19.50 22.95
C ASP B 93 -5.48 20.85 22.21
N ILE B 94 -6.64 21.51 22.19
CA ILE B 94 -6.86 22.67 21.33
C ILE B 94 -5.85 23.79 21.60
N HIS B 95 -5.59 24.05 22.87
CA HIS B 95 -4.65 25.12 23.23
C HIS B 95 -3.31 24.98 22.50
N GLN B 96 -2.76 23.77 22.46
CA GLN B 96 -1.46 23.56 21.85
C GLN B 96 -1.52 23.69 20.32
N TYR B 97 -2.61 23.24 19.71
CA TYR B 97 -2.80 23.46 18.27
C TYR B 97 -2.82 24.94 17.94
N ARG B 98 -3.56 25.71 18.74
CA ARG B 98 -3.65 27.14 18.49
C ARG B 98 -2.28 27.81 18.64
N GLU B 99 -1.56 27.46 19.70
CA GLU B 99 -0.21 27.98 19.93
C GLU B 99 0.71 27.62 18.78
N GLN B 100 0.58 26.39 18.28
CA GLN B 100 1.42 25.95 17.21
C GLN B 100 1.10 26.69 15.89
N ILE B 101 -0.17 26.95 15.63
CA ILE B 101 -0.57 27.72 14.45
C ILE B 101 0.00 29.14 14.50
N LYS B 102 -0.14 29.79 15.66
CA LYS B 102 0.38 31.14 15.86
C LYS B 102 1.88 31.22 15.58
N ARG B 103 2.60 30.21 16.06
CA ARG B 103 4.04 30.14 15.87
C ARG B 103 4.40 29.95 14.38
N VAL B 104 3.77 28.99 13.72
CA VAL B 104 4.03 28.74 12.30
C VAL B 104 3.74 29.94 11.41
N LYS B 105 2.65 30.65 11.71
CA LYS B 105 2.26 31.80 10.91
C LYS B 105 2.94 33.09 11.41
N ASP B 106 3.65 32.99 12.54
CA ASP B 106 4.29 34.14 13.19
C ASP B 106 3.30 35.30 13.38
N SER B 107 2.20 35.04 14.06
CA SER B 107 1.14 36.03 14.22
C SER B 107 0.21 35.67 15.37
N ASP B 108 -0.24 36.68 16.10
CA ASP B 108 -1.16 36.50 17.22
C ASP B 108 -2.60 36.47 16.74
N ASP B 109 -2.79 36.79 15.46
CA ASP B 109 -4.14 36.95 14.93
C ASP B 109 -4.31 36.18 13.62
N VAL B 110 -4.42 34.86 13.74
CA VAL B 110 -4.61 33.99 12.59
C VAL B 110 -6.08 33.65 12.47
N PRO B 111 -6.65 33.76 11.25
CA PRO B 111 -8.07 33.39 11.11
C PRO B 111 -8.29 31.93 11.48
N MET B 112 -9.10 31.69 12.50
CA MET B 112 -9.43 30.33 12.85
C MET B 112 -10.78 30.24 13.52
N VAL B 113 -11.36 29.05 13.45
CA VAL B 113 -12.60 28.76 14.15
C VAL B 113 -12.40 27.51 15.00
N LEU B 114 -13.11 27.46 16.11
CA LEU B 114 -13.13 26.29 16.97
C LEU B 114 -14.34 25.45 16.57
N VAL B 115 -14.15 24.15 16.33
CA VAL B 115 -15.28 23.29 15.94
C VAL B 115 -15.42 22.11 16.90
N GLY B 116 -16.58 21.97 17.52
CA GLY B 116 -16.89 20.79 18.33
C GLY B 116 -17.70 19.83 17.49
N ASN B 117 -17.15 18.64 17.25
CA ASN B 117 -17.73 17.69 16.32
C ASN B 117 -18.39 16.54 17.08
N LYS B 118 -19.65 16.25 16.76
CA LYS B 118 -20.36 15.11 17.37
C LYS B 118 -20.21 13.88 16.46
N CYS B 119 -19.34 12.94 16.83
CA CYS B 119 -18.96 11.88 15.88
C CYS B 119 -19.71 10.58 16.10
N ASP B 120 -20.39 10.45 17.23
CA ASP B 120 -21.25 9.30 17.46
C ASP B 120 -22.29 9.60 18.54
N LEU B 121 -22.97 8.56 19.00
CA LEU B 121 -24.05 8.73 19.98
C LEU B 121 -23.57 8.47 21.41
N ALA B 122 -22.27 8.26 21.58
CA ALA B 122 -21.69 8.16 22.92
C ALA B 122 -21.92 9.47 23.67
N ALA B 123 -21.90 9.40 25.00
CA ALA B 123 -22.24 10.54 25.83
C ALA B 123 -21.29 11.72 25.62
N ARG B 124 -21.87 12.90 25.49
CA ARG B 124 -21.08 14.11 25.42
C ARG B 124 -20.33 14.33 26.72
N THR B 125 -19.07 14.75 26.66
CA THR B 125 -18.32 15.07 27.87
C THR B 125 -17.83 16.51 27.88
N VAL B 126 -17.89 17.19 26.73
CA VAL B 126 -17.57 18.62 26.71
C VAL B 126 -18.85 19.40 26.47
N GLU B 127 -19.27 20.17 27.47
CA GLU B 127 -20.46 20.99 27.34
C GLU B 127 -20.20 22.18 26.40
N SER B 128 -21.23 22.58 25.66
CA SER B 128 -21.08 23.66 24.70
C SER B 128 -20.66 24.95 25.41
N ARG B 129 -21.14 25.16 26.63
CA ARG B 129 -20.69 26.34 27.40
C ARG B 129 -19.18 26.35 27.64
N GLN B 130 -18.60 25.18 27.96
CA GLN B 130 -17.15 25.09 28.10
C GLN B 130 -16.45 25.54 26.83
N ALA B 131 -16.92 25.04 25.70
CA ALA B 131 -16.27 25.34 24.42
C ALA B 131 -16.49 26.79 24.00
N GLN B 132 -17.69 27.32 24.28
CA GLN B 132 -17.94 28.75 24.04
C GLN B 132 -17.00 29.65 24.83
N ASP B 133 -16.85 29.36 26.12
CA ASP B 133 -15.96 30.15 26.97
C ASP B 133 -14.54 30.14 26.42
N LEU B 134 -14.08 28.96 25.99
CA LEU B 134 -12.71 28.84 25.46
C LEU B 134 -12.57 29.66 24.18
N ALA B 135 -13.53 29.52 23.27
CA ALA B 135 -13.52 30.28 22.04
C ALA B 135 -13.53 31.79 22.32
N ARG B 136 -14.35 32.21 23.28
CA ARG B 136 -14.40 33.62 23.65
C ARG B 136 -13.06 34.09 24.21
N SER B 137 -12.43 33.27 25.04
CA SER B 137 -11.13 33.62 25.61
C SER B 137 -10.09 33.84 24.50
N TYR B 138 -10.26 33.14 23.38
CA TYR B 138 -9.37 33.27 22.23
C TYR B 138 -9.80 34.34 21.23
N GLY B 139 -11.02 34.86 21.37
CA GLY B 139 -11.57 35.77 20.39
C GLY B 139 -11.89 35.14 19.03
N ILE B 140 -12.36 33.89 19.04
CA ILE B 140 -12.71 33.23 17.78
C ILE B 140 -14.11 32.63 17.84
N PRO B 141 -14.72 32.37 16.67
CA PRO B 141 -16.04 31.73 16.65
C PRO B 141 -16.01 30.27 17.08
N TYR B 142 -17.14 29.82 17.61
CA TYR B 142 -17.33 28.42 17.92
C TYR B 142 -18.50 27.88 17.11
N ILE B 143 -18.29 26.74 16.46
CA ILE B 143 -19.36 26.06 15.71
C ILE B 143 -19.43 24.59 16.13
N GLU B 144 -20.64 24.08 16.39
CA GLU B 144 -20.80 22.64 16.60
C GLU B 144 -21.39 22.00 15.37
N THR B 145 -20.87 20.82 15.05
CA THR B 145 -21.21 20.07 13.85
C THR B 145 -21.55 18.63 14.20
N SER B 146 -22.35 17.99 13.35
CA SER B 146 -22.62 16.57 13.48
C SER B 146 -21.87 15.82 12.37
N ALA B 147 -21.23 14.71 12.73
CA ALA B 147 -20.52 13.88 11.77
C ALA B 147 -21.46 13.01 10.93
N LYS B 148 -22.75 13.06 11.25
CA LYS B 148 -23.70 12.18 10.59
C LYS B 148 -24.75 12.89 9.75
N THR B 149 -25.21 14.05 10.22
CA THR B 149 -26.35 14.72 9.60
C THR B 149 -25.99 15.92 8.74
N ARG B 150 -24.70 16.22 8.67
CA ARG B 150 -24.13 17.38 7.98
C ARG B 150 -24.50 18.72 8.65
N GLN B 151 -25.22 18.69 9.76
CA GLN B 151 -25.54 19.91 10.49
C GLN B 151 -24.28 20.65 10.92
N GLY B 152 -24.26 21.97 10.69
CA GLY B 152 -23.18 22.81 11.15
C GLY B 152 -21.98 22.85 10.22
N VAL B 153 -21.93 21.94 9.26
CA VAL B 153 -20.72 21.81 8.43
C VAL B 153 -20.50 23.04 7.56
N GLU B 154 -21.50 23.48 6.80
CA GLU B 154 -21.34 24.69 6.00
C GLU B 154 -21.02 25.90 6.86
N ASP B 155 -21.68 25.98 8.02
CA ASP B 155 -21.47 27.10 8.93
C ASP B 155 -20.00 27.18 9.37
N ALA B 156 -19.40 26.02 9.66
CA ALA B 156 -18.02 25.99 10.12
C ALA B 156 -17.07 26.57 9.08
N PHE B 157 -17.19 26.10 7.84
CA PHE B 157 -16.33 26.55 6.76
C PHE B 157 -16.63 27.98 6.31
N TYR B 158 -17.92 28.31 6.18
CA TYR B 158 -18.27 29.67 5.76
C TYR B 158 -17.85 30.69 6.80
N THR B 159 -18.00 30.34 8.08
CA THR B 159 -17.59 31.24 9.15
C THR B 159 -16.08 31.49 9.09
N LEU B 160 -15.30 30.45 8.80
CA LEU B 160 -13.86 30.63 8.67
C LEU B 160 -13.51 31.55 7.50
N VAL B 161 -14.21 31.38 6.38
CA VAL B 161 -13.94 32.23 5.22
C VAL B 161 -14.26 33.69 5.57
N ARG B 162 -15.29 33.91 6.39
CA ARG B 162 -15.62 35.26 6.85
C ARG B 162 -14.53 35.83 7.75
N GLU B 163 -13.95 34.98 8.62
CA GLU B 163 -12.83 35.41 9.46
C GLU B 163 -11.64 35.81 8.59
N ILE B 164 -11.43 35.10 7.50
CA ILE B 164 -10.35 35.45 6.59
C ILE B 164 -10.65 36.79 5.91
N ARG B 165 -11.85 36.92 5.36
CA ARG B 165 -12.23 38.13 4.63
C ARG B 165 -12.17 39.37 5.53
N GLN B 166 -12.48 39.21 6.80
CA GLN B 166 -12.51 40.33 7.72
C GLN B 166 -11.23 40.50 8.52
N HIS B 167 -10.19 39.75 8.16
CA HIS B 167 -8.93 39.85 8.89
C HIS B 167 -8.31 41.23 8.70
N GLN C 2 -26.33 -24.93 -21.01
CA GLN C 2 -25.89 -24.45 -19.71
C GLN C 2 -26.14 -25.50 -18.63
N MET C 3 -25.25 -25.56 -17.64
CA MET C 3 -25.36 -26.56 -16.58
C MET C 3 -26.49 -26.26 -15.62
N ARG C 4 -27.23 -27.29 -15.27
CA ARG C 4 -28.18 -27.16 -14.18
C ARG C 4 -27.43 -27.17 -12.84
N LEU C 5 -28.04 -26.59 -11.82
CA LEU C 5 -27.40 -26.42 -10.52
C LEU C 5 -28.14 -27.22 -9.46
N PRO C 6 -27.53 -27.42 -8.28
CA PRO C 6 -28.33 -28.04 -7.22
C PRO C 6 -29.47 -27.12 -6.81
N SER C 7 -30.50 -27.68 -6.20
CA SER C 7 -31.60 -26.89 -5.66
C SER C 7 -31.07 -25.90 -4.61
N ALA C 8 -31.60 -24.68 -4.65
CA ALA C 8 -31.19 -23.64 -3.71
C ALA C 8 -31.57 -23.98 -2.27
N ASP C 9 -32.44 -24.98 -2.13
CA ASP C 9 -32.85 -25.47 -0.83
C ASP C 9 -31.80 -26.38 -0.18
N VAL C 10 -31.06 -27.15 -0.97
CA VAL C 10 -30.03 -28.00 -0.39
C VAL C 10 -28.63 -27.35 -0.49
N TYR C 11 -28.50 -26.36 -1.36
CA TYR C 11 -27.23 -25.70 -1.57
C TYR C 11 -27.45 -24.20 -1.79
N ARG C 12 -27.10 -23.40 -0.78
CA ARG C 12 -27.44 -21.98 -0.74
C ARG C 12 -26.78 -21.12 -1.83
N PHE C 13 -25.67 -21.61 -2.37
CA PHE C 13 -24.91 -20.80 -3.32
C PHE C 13 -25.41 -20.94 -4.76
N ALA C 14 -26.58 -21.56 -4.93
CA ALA C 14 -27.19 -21.70 -6.25
C ALA C 14 -28.41 -20.79 -6.46
N GLU C 15 -28.70 -19.93 -5.49
CA GLU C 15 -29.71 -18.88 -5.66
C GLU C 15 -29.43 -18.08 -6.93
N PRO C 16 -30.49 -17.76 -7.69
CA PRO C 16 -30.23 -16.92 -8.87
C PRO C 16 -29.78 -15.51 -8.50
N ASP C 17 -28.88 -14.94 -9.29
CA ASP C 17 -28.50 -13.54 -9.10
C ASP C 17 -29.74 -12.67 -9.22
N SER C 18 -29.91 -11.73 -8.30
CA SER C 18 -30.88 -10.67 -8.49
C SER C 18 -30.38 -9.41 -7.82
N GLU C 19 -31.04 -8.29 -8.08
CA GLU C 19 -30.62 -7.05 -7.44
C GLU C 19 -30.95 -7.06 -5.95
N GLU C 20 -31.73 -8.04 -5.49
CA GLU C 20 -31.93 -8.20 -4.06
C GLU C 20 -30.75 -8.87 -3.38
N ASN C 21 -29.84 -9.47 -4.15
CA ASN C 21 -28.67 -10.09 -3.54
C ASN C 21 -27.31 -9.75 -4.13
N ILE C 22 -27.27 -9.11 -5.30
CA ILE C 22 -26.00 -8.70 -5.88
C ILE C 22 -26.17 -7.54 -6.86
N ILE C 23 -25.28 -6.57 -6.80
CA ILE C 23 -25.29 -5.45 -7.73
C ILE C 23 -23.93 -5.28 -8.36
N PHE C 24 -23.92 -5.19 -9.69
CA PHE C 24 -22.67 -5.09 -10.41
C PHE C 24 -22.41 -3.64 -10.79
N GLU C 25 -21.13 -3.33 -10.93
CA GLU C 25 -20.69 -2.03 -11.43
C GLU C 25 -20.98 -1.97 -12.94
N GLU C 26 -21.23 -0.79 -13.47
CA GLU C 26 -21.38 -0.62 -14.92
C GLU C 26 -20.03 -0.72 -15.63
N GLY C 33 -12.35 -9.71 -18.69
CA GLY C 33 -13.72 -9.38 -19.06
C GLY C 33 -14.72 -9.98 -18.09
N ILE C 34 -14.47 -9.79 -16.80
CA ILE C 34 -15.34 -10.33 -15.76
C ILE C 34 -16.07 -9.20 -15.04
N PRO C 35 -17.24 -9.49 -14.46
CA PRO C 35 -18.00 -8.45 -13.75
C PRO C 35 -17.27 -7.89 -12.54
N ILE C 36 -17.55 -6.63 -12.24
CA ILE C 36 -17.06 -5.97 -11.05
C ILE C 36 -18.22 -5.77 -10.09
N ILE C 37 -18.07 -6.30 -8.87
CA ILE C 37 -19.17 -6.31 -7.91
C ILE C 37 -19.22 -5.01 -7.10
N LYS C 38 -20.37 -4.36 -7.10
CA LYS C 38 -20.54 -3.15 -6.31
C LYS C 38 -21.01 -3.50 -4.90
N ALA C 39 -21.93 -4.46 -4.82
CA ALA C 39 -22.51 -4.84 -3.53
C ALA C 39 -23.12 -6.22 -3.58
N GLY C 40 -23.25 -6.88 -2.43
CA GLY C 40 -23.92 -8.16 -2.39
C GLY C 40 -24.11 -8.70 -0.99
N THR C 41 -24.91 -9.74 -0.87
CA THR C 41 -24.97 -10.47 0.39
C THR C 41 -23.65 -11.23 0.56
N VAL C 42 -23.33 -11.63 1.79
CA VAL C 42 -22.14 -12.42 2.04
C VAL C 42 -22.15 -13.70 1.22
N ILE C 43 -23.33 -14.32 1.11
CA ILE C 43 -23.45 -15.56 0.33
C ILE C 43 -23.03 -15.32 -1.12
N LYS C 44 -23.50 -14.23 -1.70
CA LYS C 44 -23.17 -13.92 -3.08
C LYS C 44 -21.69 -13.55 -3.22
N LEU C 45 -21.14 -12.86 -2.24
CA LEU C 45 -19.73 -12.50 -2.29
C LEU C 45 -18.88 -13.76 -2.28
N ILE C 46 -19.24 -14.73 -1.44
CA ILE C 46 -18.49 -15.98 -1.36
C ILE C 46 -18.66 -16.81 -2.64
N GLU C 47 -19.85 -16.84 -3.20
CA GLU C 47 -20.07 -17.54 -4.47
C GLU C 47 -19.13 -16.99 -5.55
N ARG C 48 -19.06 -15.67 -5.66
CA ARG C 48 -18.22 -15.03 -6.68
C ARG C 48 -16.72 -15.11 -6.34
N LEU C 49 -16.39 -15.15 -5.04
CA LEU C 49 -15.03 -15.40 -4.59
C LEU C 49 -14.48 -16.73 -5.10
N THR C 50 -15.40 -17.66 -5.36
CA THR C 50 -15.05 -19.02 -5.73
C THR C 50 -15.83 -19.46 -6.97
N TYR C 51 -16.00 -18.54 -7.91
CA TYR C 51 -16.92 -18.74 -9.04
C TYR C 51 -16.43 -19.82 -10.00
N HIS C 52 -17.35 -20.59 -10.57
CA HIS C 52 -16.92 -21.71 -11.39
C HIS C 52 -16.45 -21.27 -12.80
N MET C 53 -16.89 -20.11 -13.25
CA MET C 53 -16.64 -19.68 -14.63
CA MET C 53 -16.63 -19.70 -14.64
C MET C 53 -15.28 -19.02 -14.85
N TYR C 54 -14.73 -18.43 -13.79
CA TYR C 54 -13.48 -17.70 -13.96
C TYR C 54 -12.74 -17.54 -12.64
N ALA C 55 -11.42 -17.32 -12.72
CA ALA C 55 -10.67 -17.03 -11.51
C ALA C 55 -10.47 -15.53 -11.42
N ASP C 56 -10.34 -15.01 -10.21
CA ASP C 56 -9.98 -13.62 -10.04
C ASP C 56 -9.15 -13.48 -8.79
N PRO C 57 -7.85 -13.83 -8.87
CA PRO C 57 -6.99 -13.87 -7.68
C PRO C 57 -6.95 -12.53 -6.97
N ASN C 58 -7.19 -11.45 -7.72
CA ASN C 58 -7.19 -10.14 -7.12
C ASN C 58 -8.42 -9.95 -6.23
N PHE C 59 -9.55 -10.55 -6.63
CA PHE C 59 -10.73 -10.56 -5.79
C PHE C 59 -10.44 -11.31 -4.48
N VAL C 60 -9.75 -12.44 -4.57
CA VAL C 60 -9.36 -13.19 -3.38
C VAL C 60 -8.51 -12.32 -2.43
N ARG C 61 -7.53 -11.58 -2.96
CA ARG C 61 -6.75 -10.70 -2.10
C ARG C 61 -7.62 -9.61 -1.46
N THR C 62 -8.44 -8.96 -2.28
CA THR C 62 -9.34 -7.90 -1.79
C THR C 62 -10.23 -8.42 -0.67
N PHE C 63 -10.87 -9.55 -0.92
CA PHE C 63 -11.79 -10.15 0.05
C PHE C 63 -11.06 -10.52 1.34
N LEU C 64 -9.99 -11.29 1.23
CA LEU C 64 -9.26 -11.71 2.43
C LEU C 64 -8.64 -10.53 3.21
N THR C 65 -8.35 -9.43 2.53
CA THR C 65 -7.80 -8.26 3.21
C THR C 65 -8.86 -7.51 4.03
N THR C 66 -10.09 -7.49 3.54
CA THR C 66 -11.12 -6.57 4.05
C THR C 66 -12.37 -7.21 4.66
N TYR C 67 -12.49 -8.52 4.64
CA TYR C 67 -13.78 -9.15 4.99
C TYR C 67 -14.19 -8.98 6.46
N ARG C 68 -13.23 -8.73 7.34
CA ARG C 68 -13.52 -8.76 8.76
C ARG C 68 -14.48 -7.64 9.16
N SER C 69 -14.62 -6.61 8.34
CA SER C 69 -15.64 -5.58 8.56
C SER C 69 -17.06 -6.05 8.31
N PHE C 70 -17.25 -7.22 7.68
CA PHE C 70 -18.63 -7.68 7.47
C PHE C 70 -18.87 -9.16 7.80
N CYS C 71 -17.81 -9.88 8.14
CA CYS C 71 -17.91 -11.32 8.42
C CYS C 71 -16.82 -11.69 9.41
N LYS C 72 -17.16 -12.43 10.45
CA LYS C 72 -16.13 -12.91 11.39
C LYS C 72 -15.32 -14.04 10.76
N PRO C 73 -14.03 -14.14 11.15
CA PRO C 73 -13.19 -15.24 10.63
C PRO C 73 -13.83 -16.63 10.81
N GLN C 74 -14.39 -16.92 11.99
CA GLN C 74 -15.03 -18.21 12.21
C GLN C 74 -16.20 -18.45 11.23
N GLU C 75 -16.96 -17.40 10.97
CA GLU C 75 -18.09 -17.51 10.06
C GLU C 75 -17.65 -17.66 8.60
N LEU C 76 -16.58 -16.98 8.21
CA LEU C 76 -16.03 -17.15 6.87
C LEU C 76 -15.65 -18.60 6.62
N LEU C 77 -14.96 -19.22 7.58
CA LEU C 77 -14.55 -20.61 7.40
C LEU C 77 -15.78 -21.53 7.26
N SER C 78 -16.79 -21.34 8.10
CA SER C 78 -18.02 -22.13 7.97
C SER C 78 -18.64 -21.97 6.58
N LEU C 79 -18.69 -20.75 6.08
CA LEU C 79 -19.28 -20.49 4.77
C LEU C 79 -18.49 -21.10 3.62
N ILE C 80 -17.16 -21.08 3.65
CA ILE C 80 -16.47 -21.67 2.51
C ILE C 80 -16.46 -23.19 2.59
N ILE C 81 -16.56 -23.76 3.80
CA ILE C 81 -16.70 -25.21 3.94
C ILE C 81 -18.07 -25.62 3.36
N GLU C 82 -19.08 -24.83 3.67
CA GLU C 82 -20.41 -25.03 3.09
C GLU C 82 -20.39 -24.94 1.57
N ARG C 83 -19.66 -23.96 1.04
CA ARG C 83 -19.49 -23.79 -0.41
C ARG C 83 -18.84 -25.03 -1.03
N PHE C 84 -17.85 -25.59 -0.34
CA PHE C 84 -17.10 -26.74 -0.82
C PHE C 84 -17.98 -27.98 -0.99
N GLU C 85 -18.97 -28.12 -0.12
CA GLU C 85 -19.74 -29.35 -0.05
C GLU C 85 -20.93 -29.33 -1.03
N ILE C 86 -20.63 -29.66 -2.29
CA ILE C 86 -21.58 -29.53 -3.38
C ILE C 86 -22.24 -30.87 -3.69
N PRO C 87 -23.58 -30.91 -3.70
CA PRO C 87 -24.23 -32.18 -4.05
C PRO C 87 -24.12 -32.50 -5.54
N GLU C 88 -23.95 -33.78 -5.85
CA GLU C 88 -23.89 -34.26 -7.22
C GLU C 88 -25.31 -34.57 -7.72
N PRO C 89 -25.58 -34.27 -8.99
CA PRO C 89 -26.91 -34.56 -9.52
C PRO C 89 -27.17 -36.07 -9.64
N GLU C 90 -28.43 -36.47 -9.60
CA GLU C 90 -28.83 -37.86 -9.82
C GLU C 90 -28.69 -38.24 -11.29
N PRO C 91 -28.69 -39.55 -11.60
CA PRO C 91 -28.64 -39.95 -13.02
C PRO C 91 -29.83 -39.40 -13.80
N THR C 92 -29.60 -39.10 -15.07
CA THR C 92 -30.64 -38.57 -15.94
C THR C 92 -31.45 -39.71 -16.56
N GLU C 93 -32.50 -39.35 -17.32
CA GLU C 93 -33.35 -40.33 -17.97
C GLU C 93 -32.54 -41.29 -18.85
N ALA C 94 -31.63 -40.75 -19.65
CA ALA C 94 -30.78 -41.59 -20.50
C ALA C 94 -29.91 -42.57 -19.68
N ASP C 95 -29.35 -42.09 -18.56
CA ASP C 95 -28.57 -42.93 -17.65
C ASP C 95 -29.43 -44.04 -17.07
N ARG C 96 -30.62 -43.65 -16.60
CA ARG C 96 -31.60 -44.56 -16.03
C ARG C 96 -31.91 -45.71 -16.98
N ILE C 97 -32.18 -45.38 -18.23
CA ILE C 97 -32.50 -46.38 -19.24
C ILE C 97 -31.31 -47.33 -19.48
N ALA C 98 -30.11 -46.78 -19.54
CA ALA C 98 -28.90 -47.59 -19.66
C ALA C 98 -28.79 -48.57 -18.49
N ILE C 99 -28.92 -48.06 -17.28
CA ILE C 99 -28.80 -48.87 -16.09
C ILE C 99 -29.85 -49.99 -16.05
N GLU C 100 -31.08 -49.68 -16.45
CA GLU C 100 -32.14 -50.68 -16.48
C GLU C 100 -31.87 -51.81 -17.46
N ASN C 101 -31.01 -51.57 -18.43
CA ASN C 101 -30.66 -52.57 -19.42
C ASN C 101 -29.33 -53.23 -19.13
N GLY C 102 -28.81 -52.98 -17.93
CA GLY C 102 -27.55 -53.56 -17.50
C GLY C 102 -26.33 -53.00 -18.20
N ASP C 103 -26.46 -51.81 -18.78
CA ASP C 103 -25.34 -51.15 -19.44
C ASP C 103 -24.73 -50.07 -18.56
N GLN C 104 -23.51 -49.67 -18.87
CA GLN C 104 -22.88 -48.57 -18.14
C GLN C 104 -23.44 -47.25 -18.68
N PRO C 105 -23.97 -46.42 -17.78
CA PRO C 105 -24.50 -45.12 -18.22
C PRO C 105 -23.38 -44.22 -18.74
N LEU C 106 -23.70 -43.33 -19.67
CA LEU C 106 -22.74 -42.35 -20.16
C LEU C 106 -22.45 -41.29 -19.09
N SER C 107 -23.46 -41.00 -18.27
CA SER C 107 -23.35 -40.03 -17.19
C SER C 107 -22.79 -38.69 -17.68
N ALA C 108 -23.18 -38.26 -18.88
CA ALA C 108 -22.61 -37.07 -19.49
C ALA C 108 -22.81 -35.82 -18.63
N GLU C 109 -24.01 -35.64 -18.11
CA GLU C 109 -24.33 -34.46 -17.32
C GLU C 109 -23.58 -34.44 -15.98
N LEU C 110 -23.50 -35.59 -15.34
CA LEU C 110 -22.74 -35.74 -14.10
C LEU C 110 -21.27 -35.43 -14.31
N LYS C 111 -20.68 -35.99 -15.37
CA LYS C 111 -19.26 -35.78 -15.63
C LYS C 111 -18.98 -34.32 -15.93
N ARG C 112 -19.86 -33.69 -16.70
CA ARG C 112 -19.71 -32.28 -17.00
C ARG C 112 -19.80 -31.41 -15.74
N PHE C 113 -20.79 -31.68 -14.90
CA PHE C 113 -20.96 -30.95 -13.66
C PHE C 113 -19.74 -31.09 -12.74
N ARG C 114 -19.19 -32.29 -12.65
CA ARG C 114 -17.96 -32.51 -11.87
C ARG C 114 -16.79 -31.69 -12.43
N LYS C 115 -16.65 -31.71 -13.75
CA LYS C 115 -15.50 -31.10 -14.41
C LYS C 115 -15.61 -29.58 -14.47
N GLU C 116 -16.81 -29.06 -14.68
CA GLU C 116 -16.99 -27.63 -14.91
C GLU C 116 -17.58 -26.86 -13.74
N TYR C 117 -18.17 -27.55 -12.77
CA TYR C 117 -18.70 -26.84 -11.60
C TYR C 117 -17.97 -27.25 -10.32
N ILE C 118 -18.06 -28.53 -9.95
CA ILE C 118 -17.55 -28.97 -8.66
C ILE C 118 -16.04 -28.79 -8.53
N GLN C 119 -15.27 -29.29 -9.49
CA GLN C 119 -13.82 -29.23 -9.37
C GLN C 119 -13.30 -27.78 -9.39
N PRO C 120 -13.79 -26.93 -10.31
CA PRO C 120 -13.32 -25.53 -10.22
C PRO C 120 -13.74 -24.83 -8.93
N VAL C 121 -14.98 -25.00 -8.48
CA VAL C 121 -15.40 -24.34 -7.25
C VAL C 121 -14.59 -24.86 -6.05
N GLN C 122 -14.38 -26.17 -5.96
CA GLN C 122 -13.66 -26.73 -4.84
C GLN C 122 -12.19 -26.29 -4.85
N LEU C 123 -11.58 -26.26 -6.03
CA LEU C 123 -10.19 -25.81 -6.12
C LEU C 123 -10.10 -24.35 -5.73
N ARG C 124 -11.13 -23.57 -6.04
CA ARG C 124 -11.07 -22.15 -5.72
C ARG C 124 -11.35 -21.89 -4.24
N VAL C 125 -12.13 -22.76 -3.60
CA VAL C 125 -12.23 -22.73 -2.14
C VAL C 125 -10.87 -23.02 -1.52
N LEU C 126 -10.18 -24.04 -2.04
CA LEU C 126 -8.86 -24.38 -1.53
C LEU C 126 -7.87 -23.24 -1.78
N ASN C 127 -8.05 -22.51 -2.88
CA ASN C 127 -7.17 -21.38 -3.14
C ASN C 127 -7.42 -20.24 -2.14
N VAL C 128 -8.67 -20.06 -1.74
CA VAL C 128 -8.99 -19.13 -0.66
C VAL C 128 -8.27 -19.57 0.63
N CYS C 129 -8.37 -20.85 0.98
CA CYS C 129 -7.69 -21.36 2.18
C CYS C 129 -6.18 -21.14 2.11
N ARG C 130 -5.61 -21.41 0.94
CA ARG C 130 -4.18 -21.24 0.71
C ARG C 130 -3.73 -19.79 0.90
N HIS C 131 -4.45 -18.86 0.26
CA HIS C 131 -4.14 -17.44 0.39
C HIS C 131 -4.33 -16.93 1.82
N TRP C 132 -5.39 -17.42 2.46
CA TRP C 132 -5.73 -17.07 3.82
C TRP C 132 -4.56 -17.44 4.72
N VAL C 133 -4.11 -18.68 4.61
CA VAL C 133 -3.00 -19.15 5.44
C VAL C 133 -1.67 -18.47 5.10
N GLU C 134 -1.40 -18.30 3.81
CA GLU C 134 -0.10 -17.75 3.42
C GLU C 134 0.05 -16.26 3.66
N HIS C 135 -1.03 -15.51 3.49
CA HIS C 135 -0.93 -14.05 3.46
C HIS C 135 -1.77 -13.35 4.51
N HIS C 136 -2.62 -14.11 5.21
CA HIS C 136 -3.46 -13.48 6.24
C HIS C 136 -3.49 -14.36 7.49
N PHE C 137 -2.32 -14.87 7.85
CA PHE C 137 -2.18 -15.88 8.89
C PHE C 137 -2.50 -15.33 10.28
N TYR C 138 -2.55 -14.01 10.41
CA TYR C 138 -2.82 -13.43 11.72
C TYR C 138 -4.16 -13.84 12.29
N ASP C 139 -5.14 -14.12 11.45
CA ASP C 139 -6.43 -14.65 11.93
C ASP C 139 -6.21 -15.91 12.77
N PHE C 140 -5.33 -16.77 12.28
CA PHE C 140 -5.01 -18.03 12.92
C PHE C 140 -4.08 -17.84 14.11
N GLU C 141 -3.16 -16.87 14.04
CA GLU C 141 -2.31 -16.53 15.18
C GLU C 141 -3.14 -16.08 16.37
N ARG C 142 -4.22 -15.36 16.09
CA ARG C 142 -5.01 -14.73 17.15
C ARG C 142 -6.18 -15.59 17.63
N ASP C 143 -6.45 -16.69 16.92
CA ASP C 143 -7.54 -17.60 17.26
C ASP C 143 -7.10 -19.05 16.97
N ALA C 144 -6.57 -19.73 17.98
CA ALA C 144 -6.02 -21.06 17.79
C ALA C 144 -7.09 -22.07 17.36
N TYR C 145 -8.32 -21.87 17.80
CA TYR C 145 -9.41 -22.77 17.44
C TYR C 145 -9.74 -22.67 15.94
N LEU C 146 -9.64 -21.45 15.40
CA LEU C 146 -9.83 -21.24 13.98
C LEU C 146 -8.83 -22.08 13.19
N LEU C 147 -7.59 -22.09 13.66
CA LEU C 147 -6.53 -22.84 13.01
C LEU C 147 -6.81 -24.33 13.09
N GLN C 148 -7.25 -24.80 14.25
CA GLN C 148 -7.61 -26.20 14.39
C GLN C 148 -8.70 -26.58 13.39
N ARG C 149 -9.71 -25.73 13.25
CA ARG C 149 -10.79 -25.98 12.28
C ARG C 149 -10.26 -26.05 10.85
N MET C 150 -9.36 -25.14 10.48
CA MET C 150 -8.78 -25.16 9.14
C MET C 150 -7.97 -26.43 8.90
N GLU C 151 -7.14 -26.80 9.87
CA GLU C 151 -6.31 -28.00 9.77
C GLU C 151 -7.18 -29.25 9.59
N GLU C 152 -8.27 -29.30 10.33
CA GLU C 152 -9.21 -30.39 10.26
C GLU C 152 -9.90 -30.46 8.91
N PHE C 153 -10.38 -29.32 8.45
CA PHE C 153 -11.07 -29.27 7.16
C PHE C 153 -10.16 -29.77 6.05
N ILE C 154 -8.99 -29.15 5.93
CA ILE C 154 -8.03 -29.52 4.91
C ILE C 154 -7.63 -30.99 5.04
N GLY C 155 -7.33 -31.41 6.26
CA GLY C 155 -6.83 -32.74 6.53
C GLY C 155 -7.84 -33.85 6.30
N THR C 156 -9.11 -33.50 6.13
CA THR C 156 -10.14 -34.49 5.85
C THR C 156 -10.81 -34.35 4.47
N VAL C 157 -10.22 -33.56 3.57
CA VAL C 157 -10.72 -33.52 2.20
C VAL C 157 -10.26 -34.79 1.49
N ARG C 158 -11.19 -35.53 0.91
CA ARG C 158 -10.85 -36.79 0.26
C ARG C 158 -10.94 -36.68 -1.26
N GLY C 159 -10.46 -37.69 -1.96
CA GLY C 159 -10.62 -37.68 -3.39
C GLY C 159 -9.35 -37.22 -4.08
N LYS C 160 -9.02 -37.92 -5.16
CA LYS C 160 -7.72 -37.76 -5.77
C LYS C 160 -7.59 -36.45 -6.53
N ALA C 161 -8.71 -35.85 -6.93
CA ALA C 161 -8.66 -34.62 -7.72
C ALA C 161 -8.03 -33.46 -6.92
N MET C 162 -8.40 -33.34 -5.65
CA MET C 162 -7.91 -32.27 -4.78
C MET C 162 -6.62 -32.65 -4.06
N LYS C 163 -6.24 -33.94 -4.11
CA LYS C 163 -5.19 -34.47 -3.26
C LYS C 163 -3.86 -33.68 -3.22
N LYS C 164 -3.39 -33.24 -4.39
CA LYS C 164 -2.08 -32.58 -4.44
C LYS C 164 -2.10 -31.27 -3.63
N TRP C 165 -3.21 -30.54 -3.72
CA TRP C 165 -3.30 -29.25 -3.08
C TRP C 165 -3.59 -29.39 -1.59
N VAL C 166 -4.38 -30.40 -1.24
CA VAL C 166 -4.66 -30.70 0.15
C VAL C 166 -3.39 -31.06 0.92
N GLU C 167 -2.58 -31.92 0.32
CA GLU C 167 -1.33 -32.32 0.96
C GLU C 167 -0.38 -31.12 1.03
N SER C 168 -0.40 -30.31 -0.01
CA SER C 168 0.45 -29.10 -0.02
C SER C 168 0.01 -28.11 1.07
N ILE C 169 -1.27 -27.80 1.12
CA ILE C 169 -1.78 -26.82 2.10
C ILE C 169 -1.57 -27.29 3.57
N THR C 170 -1.68 -28.59 3.80
CA THR C 170 -1.34 -29.16 5.10
C THR C 170 0.11 -28.83 5.48
N LYS C 171 1.03 -29.00 4.54
CA LYS C 171 2.44 -28.70 4.82
C LYS C 171 2.67 -27.19 5.01
N ILE C 172 1.98 -26.39 4.20
CA ILE C 172 2.13 -24.95 4.29
C ILE C 172 1.69 -24.44 5.65
N ILE C 173 0.57 -24.95 6.14
CA ILE C 173 0.08 -24.59 7.47
C ILE C 173 1.11 -24.96 8.54
N GLN C 174 1.66 -26.16 8.47
CA GLN C 174 2.62 -26.60 9.48
C GLN C 174 3.87 -25.71 9.47
N ARG C 175 4.35 -25.36 8.28
CA ARG C 175 5.46 -24.42 8.12
C ARG C 175 5.15 -23.05 8.72
N LYS C 176 3.98 -22.51 8.39
CA LYS C 176 3.58 -21.19 8.89
C LYS C 176 3.51 -21.17 10.43
N LYS C 177 3.21 -22.31 11.04
CA LYS C 177 3.11 -22.37 12.49
C LYS C 177 4.46 -22.20 13.20
N ILE C 178 5.54 -22.71 12.60
CA ILE C 178 6.85 -22.61 13.26
C ILE C 178 7.72 -21.50 12.67
N ALA C 179 7.13 -20.66 11.83
CA ALA C 179 7.86 -19.56 11.21
C ALA C 179 7.49 -18.23 11.84
N ASN C 187 17.17 -13.85 2.47
CA ASN C 187 17.88 -14.58 1.42
C ASN C 187 17.51 -14.04 0.04
N ILE C 188 18.44 -13.25 -0.50
CA ILE C 188 18.21 -12.39 -1.66
C ILE C 188 19.32 -12.54 -2.71
N THR C 189 18.94 -12.54 -3.99
CA THR C 189 19.89 -12.54 -5.12
C THR C 189 19.78 -11.23 -5.90
N PHE C 190 20.88 -10.68 -6.41
CA PHE C 190 20.77 -9.36 -7.06
C PHE C 190 21.10 -9.16 -8.58
N GLN C 191 22.17 -9.71 -9.14
CA GLN C 191 23.27 -10.34 -8.44
C GLN C 191 24.55 -9.57 -8.82
N SER C 192 24.39 -8.25 -8.97
CA SER C 192 25.51 -7.31 -8.91
C SER C 192 25.74 -7.01 -7.45
N SER C 193 26.99 -6.84 -7.05
CA SER C 193 27.28 -6.59 -5.65
C SER C 193 26.91 -5.15 -5.27
N PRO C 194 26.57 -4.93 -3.99
CA PRO C 194 26.31 -3.58 -3.46
C PRO C 194 27.58 -2.72 -3.42
N PRO C 195 27.41 -1.40 -3.50
CA PRO C 195 28.60 -0.54 -3.46
C PRO C 195 29.35 -0.66 -2.13
N THR C 196 30.62 -0.25 -2.15
CA THR C 196 31.45 -0.26 -0.94
C THR C 196 30.96 0.78 0.06
N VAL C 197 30.95 0.42 1.35
CA VAL C 197 30.56 1.33 2.41
C VAL C 197 31.55 2.49 2.48
N GLU C 198 31.04 3.72 2.58
CA GLU C 198 31.90 4.90 2.59
C GLU C 198 32.09 5.49 3.99
N TRP C 199 33.32 5.92 4.27
CA TRP C 199 33.68 6.47 5.58
C TRP C 199 34.31 7.86 5.44
N HIS C 200 34.07 8.71 6.44
CA HIS C 200 34.54 10.09 6.46
C HIS C 200 35.45 10.27 7.68
N ILE C 201 35.09 11.17 8.61
CA ILE C 201 35.92 11.43 9.79
C ILE C 201 35.85 10.25 10.77
N SER C 202 34.65 9.82 11.13
CA SER C 202 34.50 8.62 11.95
C SER C 202 34.95 7.40 11.17
N ARG C 203 35.80 6.57 11.79
CA ARG C 203 36.30 5.37 11.15
C ARG C 203 35.55 4.15 11.69
N PRO C 204 35.63 3.00 10.96
CA PRO C 204 34.91 1.79 11.36
C PRO C 204 35.16 1.42 12.82
N GLY C 205 34.09 1.03 13.52
CA GLY C 205 34.20 0.62 14.91
C GLY C 205 34.22 1.75 15.92
N HIS C 206 34.36 2.99 15.47
CA HIS C 206 34.45 4.12 16.40
C HIS C 206 33.12 4.80 16.62
N ILE C 207 32.17 4.03 17.13
CA ILE C 207 30.78 4.46 17.25
C ILE C 207 30.62 5.70 18.12
N GLU C 208 31.58 5.91 19.04
CA GLU C 208 31.56 7.06 19.96
C GLU C 208 31.64 8.39 19.24
N THR C 209 32.23 8.40 18.04
CA THR C 209 32.43 9.64 17.30
C THR C 209 31.34 9.90 16.26
N PHE C 210 30.52 8.89 15.98
CA PHE C 210 29.45 8.99 14.98
C PHE C 210 28.58 10.21 15.26
N ASP C 211 28.30 10.99 14.22
CA ASP C 211 27.45 12.16 14.34
C ASP C 211 27.10 12.62 12.93
N LEU C 212 26.23 13.61 12.83
CA LEU C 212 25.77 14.12 11.54
C LEU C 212 26.92 14.46 10.58
N LEU C 213 27.96 15.13 11.09
CA LEU C 213 29.03 15.64 10.23
C LEU C 213 30.23 14.69 10.14
N THR C 214 30.33 13.72 11.04
CA THR C 214 31.50 12.84 11.06
C THR C 214 31.31 11.54 10.29
N LEU C 215 30.06 11.08 10.18
CA LEU C 215 29.75 10.00 9.27
C LEU C 215 29.72 10.54 7.83
N HIS C 216 29.94 9.67 6.87
CA HIS C 216 29.89 10.09 5.47
C HIS C 216 28.43 10.34 5.10
N PRO C 217 28.12 11.49 4.47
CA PRO C 217 26.74 11.82 4.14
C PRO C 217 26.13 10.77 3.19
N ILE C 218 26.94 10.22 2.30
CA ILE C 218 26.44 9.14 1.44
C ILE C 218 25.98 7.94 2.26
N GLU C 219 26.80 7.55 3.23
CA GLU C 219 26.52 6.35 4.01
C GLU C 219 25.40 6.61 5.02
N ILE C 220 25.27 7.85 5.48
CA ILE C 220 24.14 8.22 6.33
C ILE C 220 22.84 7.95 5.56
N ALA C 221 22.78 8.45 4.34
CA ALA C 221 21.59 8.29 3.53
C ALA C 221 21.32 6.82 3.20
N ARG C 222 22.38 6.07 2.92
CA ARG C 222 22.22 4.64 2.61
C ARG C 222 21.68 3.83 3.79
N GLN C 223 22.24 4.03 4.97
CA GLN C 223 21.87 3.25 6.13
C GLN C 223 20.48 3.65 6.62
N LEU C 224 20.15 4.94 6.54
CA LEU C 224 18.79 5.37 6.84
C LEU C 224 17.80 4.79 5.82
N THR C 225 18.23 4.64 4.57
CA THR C 225 17.34 4.10 3.54
C THR C 225 17.07 2.63 3.79
N LEU C 226 18.10 1.88 4.16
CA LEU C 226 17.91 0.47 4.53
C LEU C 226 16.98 0.33 5.73
N LEU C 227 17.20 1.16 6.74
CA LEU C 227 16.37 1.16 7.94
C LEU C 227 14.91 1.50 7.59
N GLU C 228 14.73 2.57 6.83
CA GLU C 228 13.40 3.05 6.50
C GLU C 228 12.68 2.12 5.52
N SER C 229 13.44 1.48 4.64
CA SER C 229 12.90 0.44 3.77
C SER C 229 12.41 -0.78 4.58
N ASP C 230 13.23 -1.26 5.52
CA ASP C 230 12.81 -2.36 6.40
C ASP C 230 11.54 -2.01 7.19
N LEU C 231 11.48 -0.79 7.71
CA LEU C 231 10.31 -0.35 8.48
C LEU C 231 9.07 -0.28 7.58
N TYR C 232 9.25 0.25 6.37
CA TYR C 232 8.18 0.29 5.38
C TYR C 232 7.68 -1.12 5.02
N ARG C 233 8.62 -2.04 4.80
CA ARG C 233 8.30 -3.39 4.34
C ARG C 233 7.64 -4.23 5.43
N ALA C 234 7.79 -3.82 6.69
CA ALA C 234 7.23 -4.63 7.79
C ALA C 234 5.74 -4.37 8.05
N VAL C 235 5.17 -3.34 7.45
CA VAL C 235 3.78 -2.98 7.76
C VAL C 235 2.80 -3.88 7.00
N GLN C 236 1.93 -4.56 7.76
CA GLN C 236 0.92 -5.46 7.20
C GLN C 236 -0.44 -4.79 7.04
N PRO C 237 -1.27 -5.27 6.10
CA PRO C 237 -2.62 -4.71 5.95
C PRO C 237 -3.46 -4.79 7.23
N SER C 238 -3.21 -5.79 8.08
CA SER C 238 -3.93 -5.90 9.34
C SER C 238 -3.74 -4.67 10.24
N GLU C 239 -2.67 -3.92 10.00
CA GLU C 239 -2.41 -2.72 10.79
C GLU C 239 -3.16 -1.51 10.25
N LEU C 240 -3.78 -1.70 9.09
CA LEU C 240 -4.40 -0.61 8.32
C LEU C 240 -5.94 -0.72 8.18
N VAL C 241 -6.45 -1.89 7.82
CA VAL C 241 -7.89 -2.01 7.59
C VAL C 241 -8.65 -1.68 8.88
N GLY C 242 -9.80 -1.02 8.74
CA GLY C 242 -10.57 -0.62 9.89
C GLY C 242 -10.01 0.61 10.60
N SER C 243 -9.01 1.24 9.99
CA SER C 243 -8.39 2.45 10.52
C SER C 243 -7.84 2.26 11.92
N VAL C 244 -7.39 1.05 12.23
CA VAL C 244 -7.07 0.71 13.60
C VAL C 244 -5.85 1.44 14.17
N TRP C 245 -5.01 2.05 13.31
CA TRP C 245 -3.85 2.80 13.81
C TRP C 245 -4.21 4.16 14.47
N THR C 246 -5.48 4.55 14.25
CA THR C 246 -6.01 5.79 14.82
C THR C 246 -6.84 5.56 16.09
N LYS C 247 -7.12 4.30 16.43
CA LYS C 247 -8.03 4.00 17.54
C LYS C 247 -7.29 3.68 18.84
N GLU C 248 -8.06 3.42 19.90
CA GLU C 248 -7.53 3.25 21.26
C GLU C 248 -6.45 2.18 21.38
N ASP C 249 -6.61 1.11 20.62
CA ASP C 249 -5.72 -0.04 20.69
C ASP C 249 -4.63 -0.01 19.61
N LYS C 250 -4.32 1.18 19.10
CA LYS C 250 -3.36 1.28 18.00
C LYS C 250 -2.00 0.65 18.30
N GLU C 251 -1.53 0.70 19.55
CA GLU C 251 -0.21 0.11 19.87
C GLU C 251 -0.26 -1.41 19.77
N ILE C 252 -1.44 -1.97 20.01
CA ILE C 252 -1.64 -3.40 19.89
C ILE C 252 -1.78 -3.81 18.43
N ASN C 253 -2.59 -3.07 17.69
CA ASN C 253 -2.96 -3.47 16.34
C ASN C 253 -2.05 -2.96 15.24
N SER C 254 -1.35 -1.85 15.49
CA SER C 254 -0.51 -1.27 14.44
C SER C 254 0.97 -1.01 14.85
N PRO C 255 1.61 -1.97 15.53
CA PRO C 255 2.93 -1.69 16.11
C PRO C 255 4.02 -1.41 15.07
N ASN C 256 4.00 -2.10 13.93
CA ASN C 256 5.00 -1.85 12.90
C ASN C 256 4.84 -0.48 12.22
N LEU C 257 3.59 -0.13 11.91
CA LEU C 257 3.29 1.20 11.36
C LEU C 257 3.75 2.30 12.31
N LEU C 258 3.43 2.18 13.59
CA LEU C 258 3.80 3.20 14.55
C LEU C 258 5.33 3.28 14.74
N LYS C 259 6.02 2.13 14.72
CA LYS C 259 7.48 2.15 14.80
C LYS C 259 8.05 2.91 13.62
N MET C 260 7.46 2.68 12.46
CA MET C 260 7.91 3.35 11.23
C MET C 260 7.72 4.86 11.36
N ILE C 261 6.54 5.28 11.79
CA ILE C 261 6.25 6.72 11.87
C ILE C 261 7.13 7.41 12.91
N ARG C 262 7.33 6.73 14.05
CA ARG C 262 8.15 7.28 15.10
C ARG C 262 9.61 7.44 14.68
N HIS C 263 10.11 6.52 13.86
CA HIS C 263 11.45 6.71 13.28
C HIS C 263 11.51 8.00 12.47
N THR C 264 10.52 8.18 11.61
CA THR C 264 10.47 9.33 10.72
C THR C 264 10.45 10.62 11.55
N THR C 265 9.59 10.64 12.57
CA THR C 265 9.47 11.77 13.46
C THR C 265 10.78 12.07 14.18
N ASN C 266 11.39 11.04 14.74
CA ASN C 266 12.67 11.20 15.42
C ASN C 266 13.79 11.73 14.53
N LEU C 267 13.84 11.30 13.27
CA LEU C 267 14.88 11.79 12.36
C LEU C 267 14.66 13.26 12.03
N THR C 268 13.42 13.63 11.78
CA THR C 268 13.09 15.03 11.53
C THR C 268 13.50 15.89 12.73
N LEU C 269 13.17 15.45 13.93
CA LEU C 269 13.52 16.21 15.14
C LEU C 269 15.04 16.26 15.35
N TRP C 270 15.73 15.18 15.01
CA TRP C 270 17.19 15.16 15.08
C TRP C 270 17.82 16.21 14.14
N PHE C 271 17.33 16.30 12.92
CA PHE C 271 17.81 17.33 11.98
C PHE C 271 17.59 18.73 12.57
N GLU C 272 16.40 18.98 13.12
CA GLU C 272 16.12 20.30 13.69
C GLU C 272 17.06 20.58 14.87
N LYS C 273 17.26 19.58 15.70
CA LYS C 273 18.13 19.70 16.86
C LYS C 273 19.58 19.97 16.46
N CYS C 274 20.09 19.22 15.48
CA CYS C 274 21.44 19.43 14.98
C CYS C 274 21.60 20.87 14.48
N ILE C 275 20.58 21.39 13.80
CA ILE C 275 20.64 22.75 13.27
C ILE C 275 20.60 23.82 14.37
N VAL C 276 19.58 23.82 15.22
CA VAL C 276 19.45 24.93 16.18
C VAL C 276 20.42 24.86 17.35
N GLU C 277 21.00 23.69 17.62
CA GLU C 277 22.02 23.60 18.67
C GLU C 277 23.41 23.94 18.15
N THR C 278 23.51 24.22 16.85
CA THR C 278 24.76 24.72 16.27
C THR C 278 24.62 26.24 16.23
N GLU C 279 25.13 26.90 17.26
N GLU C 279 25.10 26.90 17.28
CA GLU C 279 24.85 28.32 17.47
CA GLU C 279 24.89 28.33 17.47
C GLU C 279 25.71 29.24 16.58
C GLU C 279 25.69 29.20 16.50
N ASN C 280 26.91 28.79 16.23
CA ASN C 280 27.77 29.53 15.31
C ASN C 280 27.20 29.50 13.88
N LEU C 281 27.01 30.67 13.27
CA LEU C 281 26.37 30.75 11.95
C LEU C 281 27.10 29.93 10.89
N GLU C 282 28.42 30.10 10.80
CA GLU C 282 29.20 29.38 9.80
C GLU C 282 29.08 27.86 9.95
N GLU C 283 29.19 27.38 11.19
CA GLU C 283 29.03 25.95 11.43
C GLU C 283 27.60 25.49 11.12
N ARG C 284 26.62 26.32 11.45
CA ARG C 284 25.22 25.94 11.23
C ARG C 284 24.92 25.83 9.74
N VAL C 285 25.53 26.69 8.95
CA VAL C 285 25.40 26.64 7.50
C VAL C 285 25.96 25.30 6.97
N ALA C 286 27.10 24.87 7.52
CA ALA C 286 27.69 23.59 7.15
C ALA C 286 26.76 22.42 7.51
N VAL C 287 26.10 22.52 8.67
CA VAL C 287 25.15 21.50 9.11
C VAL C 287 23.95 21.42 8.17
N VAL C 288 23.33 22.56 7.86
CA VAL C 288 22.19 22.58 6.94
C VAL C 288 22.61 22.07 5.55
N SER C 289 23.79 22.51 5.11
CA SER C 289 24.28 22.09 3.81
C SER C 289 24.50 20.56 3.78
N ARG C 290 25.01 19.99 4.86
CA ARG C 290 25.19 18.54 4.91
C ARG C 290 23.84 17.81 4.85
N ILE C 291 22.83 18.38 5.52
CA ILE C 291 21.51 17.76 5.54
C ILE C 291 20.91 17.77 4.13
N ILE C 292 21.16 18.83 3.36
CA ILE C 292 20.64 18.92 2.00
C ILE C 292 21.37 17.94 1.06
N GLU C 293 22.66 17.72 1.31
CA GLU C 293 23.39 16.66 0.60
C GLU C 293 22.77 15.26 0.87
N ILE C 294 22.39 15.00 2.12
CA ILE C 294 21.77 13.73 2.48
C ILE C 294 20.43 13.61 1.74
N LEU C 295 19.68 14.70 1.68
CA LEU C 295 18.44 14.78 0.92
C LEU C 295 18.66 14.39 -0.55
N GLN C 296 19.73 14.90 -1.14
CA GLN C 296 20.07 14.60 -2.53
C GLN C 296 20.28 13.10 -2.74
N VAL C 297 20.99 12.46 -1.81
CA VAL C 297 21.18 11.01 -1.90
C VAL C 297 19.86 10.24 -1.66
N PHE C 298 19.02 10.70 -0.73
CA PHE C 298 17.65 10.17 -0.57
C PHE C 298 16.89 10.22 -1.92
N GLN C 299 16.95 11.37 -2.60
CA GLN C 299 16.29 11.48 -3.91
C GLN C 299 16.87 10.46 -4.90
N GLU C 300 18.19 10.31 -4.93
CA GLU C 300 18.85 9.36 -5.85
C GLU C 300 18.44 7.91 -5.56
N LEU C 301 18.23 7.61 -4.28
CA LEU C 301 17.82 6.27 -3.84
C LEU C 301 16.31 6.03 -3.89
N ASN C 302 15.54 7.01 -4.36
CA ASN C 302 14.07 6.96 -4.31
C ASN C 302 13.52 6.72 -2.92
N ASN C 303 14.21 7.22 -1.89
CA ASN C 303 13.67 7.14 -0.55
C ASN C 303 12.85 8.40 -0.28
N PHE C 304 11.57 8.35 -0.62
CA PHE C 304 10.70 9.52 -0.48
C PHE C 304 10.35 9.80 0.98
N ASN C 305 10.32 8.77 1.82
CA ASN C 305 10.18 9.01 3.25
C ASN C 305 11.33 9.88 3.76
N GLY C 306 12.55 9.52 3.39
CA GLY C 306 13.74 10.27 3.77
C GLY C 306 13.69 11.70 3.23
N VAL C 307 13.32 11.85 1.96
CA VAL C 307 13.16 13.18 1.37
C VAL C 307 12.22 14.06 2.22
N LEU C 308 11.07 13.52 2.59
CA LEU C 308 10.12 14.32 3.34
C LEU C 308 10.54 14.53 4.80
N GLU C 309 11.32 13.61 5.36
CA GLU C 309 11.91 13.80 6.69
C GLU C 309 12.71 15.09 6.72
N VAL C 310 13.48 15.30 5.66
CA VAL C 310 14.33 16.49 5.59
C VAL C 310 13.50 17.73 5.31
N VAL C 311 12.62 17.65 4.34
CA VAL C 311 11.76 18.77 4.00
C VAL C 311 10.91 19.22 5.20
N SER C 312 10.35 18.27 5.94
CA SER C 312 9.61 18.61 7.16
C SER C 312 10.46 19.35 8.18
N ALA C 313 11.72 18.96 8.32
CA ALA C 313 12.63 19.67 9.22
C ALA C 313 12.88 21.11 8.74
N MET C 314 13.09 21.29 7.44
CA MET C 314 13.42 22.62 6.93
C MET C 314 12.20 23.55 6.93
N ASN C 315 11.00 22.98 6.98
CA ASN C 315 9.77 23.76 7.06
C ASN C 315 9.27 23.93 8.49
N SER C 316 9.96 23.34 9.44
CA SER C 316 9.54 23.43 10.84
C SER C 316 9.74 24.86 11.36
N SER C 317 8.97 25.24 12.38
CA SER C 317 9.04 26.58 12.93
C SER C 317 10.44 27.00 13.40
N PRO C 318 11.17 26.13 14.13
CA PRO C 318 12.50 26.54 14.60
C PRO C 318 13.46 26.83 13.47
N VAL C 319 13.38 26.05 12.40
CA VAL C 319 14.36 26.12 11.32
C VAL C 319 13.96 27.10 10.23
N TYR C 320 12.68 27.09 9.87
CA TYR C 320 12.21 27.88 8.73
C TYR C 320 12.56 29.37 8.86
N ARG C 321 12.59 29.86 10.10
CA ARG C 321 12.76 31.30 10.36
C ARG C 321 14.22 31.76 10.35
N LEU C 322 15.15 30.85 10.10
CA LEU C 322 16.58 31.17 10.18
C LEU C 322 17.11 31.81 8.89
N ASP C 323 16.65 33.02 8.60
CA ASP C 323 17.02 33.75 7.39
C ASP C 323 18.52 33.91 7.14
N HIS C 324 19.28 34.14 8.19
CA HIS C 324 20.73 34.33 8.03
C HIS C 324 21.41 33.05 7.56
N THR C 325 20.88 31.92 7.97
CA THR C 325 21.42 30.62 7.56
C THR C 325 21.07 30.35 6.10
N PHE C 326 19.81 30.57 5.77
CA PHE C 326 19.30 30.37 4.41
C PHE C 326 20.09 31.20 3.40
N GLU C 327 20.36 32.46 3.77
CA GLU C 327 21.11 33.36 2.91
C GLU C 327 22.47 32.82 2.48
N GLN C 328 23.12 32.02 3.32
CA GLN C 328 24.45 31.51 3.00
C GLN C 328 24.46 30.12 2.36
N ILE C 329 23.30 29.50 2.23
CA ILE C 329 23.23 28.21 1.55
C ILE C 329 23.47 28.39 0.06
N PRO C 330 24.36 27.58 -0.53
CA PRO C 330 24.64 27.72 -1.96
C PRO C 330 23.39 27.60 -2.79
N SER C 331 23.32 28.38 -3.86
CA SER C 331 22.15 28.39 -4.72
C SER C 331 21.79 27.00 -5.26
N ARG C 332 22.78 26.16 -5.56
CA ARG C 332 22.47 24.85 -6.09
C ARG C 332 21.76 23.98 -5.05
N GLN C 333 21.99 24.24 -3.77
CA GLN C 333 21.34 23.47 -2.72
C GLN C 333 19.97 24.02 -2.40
N LYS C 334 19.81 25.33 -2.52
CA LYS C 334 18.48 25.92 -2.44
C LYS C 334 17.55 25.29 -3.47
N LYS C 335 18.06 25.06 -4.68
CA LYS C 335 17.27 24.49 -5.76
C LYS C 335 16.85 23.05 -5.45
N ILE C 336 17.78 22.27 -4.93
CA ILE C 336 17.51 20.89 -4.52
C ILE C 336 16.41 20.85 -3.46
N LEU C 337 16.52 21.71 -2.46
CA LEU C 337 15.55 21.74 -1.39
C LEU C 337 14.19 22.18 -1.94
N GLU C 338 14.21 23.16 -2.83
CA GLU C 338 12.99 23.66 -3.45
C GLU C 338 12.29 22.55 -4.27
N GLU C 339 13.07 21.83 -5.07
CA GLU C 339 12.49 20.74 -5.87
C GLU C 339 11.88 19.66 -4.97
N ALA C 340 12.57 19.34 -3.88
CA ALA C 340 12.06 18.36 -2.93
C ALA C 340 10.74 18.84 -2.31
N HIS C 341 10.71 20.08 -1.85
CA HIS C 341 9.49 20.63 -1.27
C HIS C 341 8.32 20.65 -2.25
N GLU C 342 8.62 20.93 -3.51
CA GLU C 342 7.56 21.02 -4.52
C GLU C 342 6.87 19.69 -4.75
N LEU C 343 7.52 18.58 -4.38
CA LEU C 343 6.86 17.27 -4.40
C LEU C 343 5.58 17.29 -3.57
N SER C 344 5.60 18.03 -2.46
CA SER C 344 4.49 18.02 -1.52
C SER C 344 3.39 19.04 -1.85
N GLU C 345 3.68 19.95 -2.78
CA GLU C 345 2.73 21.03 -3.09
C GLU C 345 1.49 20.48 -3.76
N ASP C 346 0.38 21.21 -3.64
CA ASP C 346 -0.88 20.83 -4.27
C ASP C 346 -1.28 19.40 -3.94
N HIS C 347 -1.34 19.06 -2.65
CA HIS C 347 -1.74 17.73 -2.20
C HIS C 347 -0.88 16.65 -2.85
N TYR C 348 0.43 16.86 -2.81
CA TYR C 348 1.42 15.87 -3.23
C TYR C 348 1.32 15.50 -4.71
N LYS C 349 0.87 16.43 -5.53
CA LYS C 349 0.68 16.15 -6.94
C LYS C 349 1.96 15.63 -7.61
N LYS C 350 3.08 16.32 -7.42
CA LYS C 350 4.32 15.91 -8.07
C LYS C 350 4.91 14.65 -7.44
N TYR C 351 4.82 14.53 -6.11
CA TYR C 351 5.21 13.27 -5.45
C TYR C 351 4.51 12.05 -6.07
N LEU C 352 3.19 12.14 -6.22
CA LEU C 352 2.41 10.99 -6.71
C LEU C 352 2.81 10.59 -8.12
N ALA C 353 3.05 11.59 -8.97
CA ALA C 353 3.53 11.34 -10.33
C ALA C 353 4.95 10.75 -10.33
N LYS C 354 5.80 11.24 -9.43
CA LYS C 354 7.19 10.75 -9.40
C LYS C 354 7.23 9.30 -8.91
N LEU C 355 6.47 9.01 -7.85
CA LEU C 355 6.41 7.65 -7.32
C LEU C 355 5.99 6.66 -8.40
N ARG C 356 5.03 7.06 -9.22
CA ARG C 356 4.50 6.20 -10.27
C ARG C 356 5.42 6.11 -11.48
N SER C 357 6.51 6.87 -11.48
CA SER C 357 7.38 6.88 -12.64
C SER C 357 8.76 6.25 -12.38
N ILE C 358 9.17 6.13 -11.12
CA ILE C 358 10.55 5.70 -10.88
C ILE C 358 10.69 4.18 -11.03
N ASN C 359 11.93 3.72 -10.98
CA ASN C 359 12.23 2.30 -11.02
C ASN C 359 12.55 1.83 -9.61
N PRO C 360 11.68 0.98 -9.03
CA PRO C 360 11.94 0.53 -7.66
C PRO C 360 13.28 -0.19 -7.57
N PRO C 361 13.82 -0.39 -6.35
CA PRO C 361 13.24 -0.14 -5.02
C PRO C 361 13.05 1.34 -4.69
N CYS C 362 12.04 1.59 -3.87
CA CYS C 362 11.81 2.90 -3.31
C CYS C 362 11.25 2.75 -1.89
N VAL C 363 11.19 3.86 -1.17
CA VAL C 363 10.48 3.93 0.11
C VAL C 363 9.42 5.03 -0.02
N PRO C 364 8.15 4.65 -0.23
CA PRO C 364 7.07 5.62 -0.30
C PRO C 364 6.89 6.39 1.01
N PHE C 365 6.27 7.57 0.89
CA PHE C 365 5.77 8.24 2.09
C PHE C 365 4.44 7.61 2.51
N PHE C 366 4.36 7.06 3.71
CA PHE C 366 3.17 6.31 4.12
C PHE C 366 1.95 7.18 4.44
N GLY C 367 2.18 8.43 4.84
CA GLY C 367 1.12 9.29 5.31
C GLY C 367 -0.05 9.42 4.35
N ILE C 368 0.25 9.52 3.07
CA ILE C 368 -0.79 9.64 2.06
C ILE C 368 -1.70 8.41 2.03
N TYR C 369 -1.11 7.23 2.13
CA TYR C 369 -1.89 6.00 2.18
C TYR C 369 -2.84 5.97 3.38
N LEU C 370 -2.36 6.44 4.52
CA LEU C 370 -3.12 6.42 5.75
C LEU C 370 -4.36 7.32 5.63
N THR C 371 -4.14 8.54 5.15
CA THR C 371 -5.24 9.48 4.97
C THR C 371 -6.28 8.93 3.98
N ASN C 372 -5.82 8.34 2.87
CA ASN C 372 -6.74 7.79 1.89
C ASN C 372 -7.49 6.58 2.39
N ILE C 373 -6.84 5.72 3.18
CA ILE C 373 -7.55 4.58 3.77
C ILE C 373 -8.60 5.10 4.76
N LEU C 374 -8.21 5.99 5.66
CA LEU C 374 -9.14 6.54 6.66
C LEU C 374 -10.34 7.23 6.02
N LYS C 375 -10.10 8.09 5.04
CA LYS C 375 -11.18 8.81 4.39
C LYS C 375 -12.08 7.88 3.57
N THR C 376 -11.51 6.85 2.95
CA THR C 376 -12.32 5.89 2.21
C THR C 376 -13.26 5.15 3.16
N GLU C 377 -12.75 4.80 4.33
CA GLU C 377 -13.53 4.04 5.30
C GLU C 377 -14.61 4.92 5.96
N GLU C 378 -14.24 6.15 6.28
CA GLU C 378 -15.14 7.11 6.90
C GLU C 378 -16.21 7.64 5.95
N GLY C 379 -15.87 7.78 4.68
CA GLY C 379 -16.73 8.49 3.75
C GLY C 379 -17.67 7.63 2.92
N ASN C 380 -17.71 6.32 3.19
CA ASN C 380 -18.56 5.41 2.44
C ASN C 380 -19.30 4.49 3.39
N PRO C 381 -20.57 4.17 3.07
CA PRO C 381 -21.37 3.36 4.00
C PRO C 381 -20.98 1.89 3.99
N GLU C 382 -21.11 1.22 5.13
CA GLU C 382 -20.84 -0.21 5.22
C GLU C 382 -21.81 -1.02 4.35
N VAL C 383 -23.06 -0.59 4.28
CA VAL C 383 -24.07 -1.31 3.51
C VAL C 383 -24.82 -0.40 2.55
N LEU C 384 -25.33 -1.01 1.49
CA LEU C 384 -26.26 -0.35 0.58
C LEU C 384 -27.66 -0.97 0.76
N LYS C 385 -28.68 -0.13 0.87
CA LYS C 385 -30.04 -0.62 1.04
C LYS C 385 -30.71 -0.66 -0.32
N ARG C 386 -31.17 -1.84 -0.72
CA ARG C 386 -31.78 -2.01 -2.04
C ARG C 386 -32.95 -2.99 -1.97
N HIS C 387 -34.09 -2.60 -2.52
CA HIS C 387 -35.28 -3.45 -2.56
C HIS C 387 -35.62 -4.05 -1.20
N GLY C 388 -35.45 -3.27 -0.15
CA GLY C 388 -35.73 -3.74 1.19
C GLY C 388 -34.63 -4.55 1.86
N LYS C 389 -33.53 -4.81 1.15
CA LYS C 389 -32.45 -5.64 1.67
C LYS C 389 -31.18 -4.83 2.00
N GLU C 390 -30.39 -5.34 2.94
CA GLU C 390 -29.09 -4.74 3.20
C GLU C 390 -28.01 -5.52 2.45
N LEU C 391 -27.28 -4.83 1.58
CA LEU C 391 -26.21 -5.47 0.84
C LEU C 391 -24.87 -4.94 1.33
N ILE C 392 -23.88 -5.81 1.45
CA ILE C 392 -22.54 -5.36 1.78
C ILE C 392 -22.01 -4.45 0.68
N ASN C 393 -21.59 -3.25 1.07
CA ASN C 393 -20.95 -2.34 0.14
C ASN C 393 -19.54 -2.80 -0.20
N PHE C 394 -19.38 -3.57 -1.27
CA PHE C 394 -18.09 -4.14 -1.55
C PHE C 394 -17.15 -3.18 -2.28
N SER C 395 -17.70 -2.23 -3.04
CA SER C 395 -16.83 -1.27 -3.73
C SER C 395 -15.99 -0.44 -2.73
N LYS C 396 -16.56 -0.17 -1.55
CA LYS C 396 -15.80 0.48 -0.47
C LYS C 396 -14.58 -0.35 -0.07
N ARG C 397 -14.77 -1.66 0.06
CA ARG C 397 -13.67 -2.56 0.42
C ARG C 397 -12.67 -2.68 -0.72
N ARG C 398 -13.15 -2.72 -1.96
CA ARG C 398 -12.22 -2.72 -3.09
C ARG C 398 -11.34 -1.47 -3.11
N LYS C 399 -11.91 -0.30 -2.80
CA LYS C 399 -11.10 0.92 -2.75
C LYS C 399 -10.01 0.83 -1.68
N VAL C 400 -10.35 0.30 -0.51
CA VAL C 400 -9.33 0.11 0.52
C VAL C 400 -8.24 -0.86 0.07
N ALA C 401 -8.65 -1.96 -0.56
CA ALA C 401 -7.70 -2.98 -1.01
C ALA C 401 -6.81 -2.53 -2.17
N GLU C 402 -7.28 -1.56 -2.96
CA GLU C 402 -6.42 -0.99 -3.99
C GLU C 402 -5.27 -0.25 -3.32
N ILE C 403 -5.54 0.44 -2.22
CA ILE C 403 -4.47 1.13 -1.51
C ILE C 403 -3.52 0.13 -0.84
N THR C 404 -4.05 -0.87 -0.13
CA THR C 404 -3.15 -1.84 0.51
C THR C 404 -2.36 -2.61 -0.55
N GLY C 405 -2.97 -2.85 -1.71
CA GLY C 405 -2.28 -3.50 -2.80
C GLY C 405 -1.13 -2.67 -3.35
N GLU C 406 -1.31 -1.36 -3.49
CA GLU C 406 -0.23 -0.49 -3.91
CA GLU C 406 -0.22 -0.49 -3.92
C GLU C 406 0.90 -0.52 -2.89
N ILE C 407 0.54 -0.44 -1.60
CA ILE C 407 1.53 -0.52 -0.54
C ILE C 407 2.37 -1.79 -0.68
N GLN C 408 1.69 -2.93 -0.80
CA GLN C 408 2.38 -4.22 -0.93
C GLN C 408 3.26 -4.28 -2.17
N GLN C 409 2.81 -3.71 -3.28
CA GLN C 409 3.61 -3.73 -4.51
C GLN C 409 4.99 -3.08 -4.28
N TYR C 410 5.06 -1.98 -3.52
CA TYR C 410 6.35 -1.33 -3.27
C TYR C 410 7.11 -2.01 -2.13
N GLN C 411 6.51 -3.00 -1.49
CA GLN C 411 7.22 -3.71 -0.44
C GLN C 411 8.04 -4.90 -0.97
N ASN C 412 7.92 -5.20 -2.26
CA ASN C 412 8.59 -6.40 -2.78
C ASN C 412 10.09 -6.24 -3.07
N GLN C 413 10.46 -5.08 -3.60
CA GLN C 413 11.81 -4.89 -4.14
C GLN C 413 12.82 -4.49 -3.05
N PRO C 414 13.87 -5.29 -2.86
CA PRO C 414 14.88 -4.97 -1.86
C PRO C 414 16.00 -4.08 -2.39
N TYR C 415 16.60 -3.27 -1.52
CA TYR C 415 17.73 -2.42 -1.89
C TYR C 415 19.02 -3.21 -1.99
N CYS C 416 19.80 -2.94 -3.03
CA CYS C 416 21.12 -3.56 -3.15
C CYS C 416 22.16 -2.70 -2.43
N LEU C 417 22.12 -2.71 -1.09
CA LEU C 417 23.00 -1.90 -0.27
C LEU C 417 23.44 -2.72 0.93
N ARG C 418 24.70 -2.58 1.30
CA ARG C 418 25.26 -3.32 2.42
C ARG C 418 24.93 -2.64 3.75
N VAL C 419 24.43 -3.42 4.70
CA VAL C 419 24.22 -2.96 6.06
C VAL C 419 25.56 -2.70 6.76
N GLU C 420 25.66 -1.59 7.46
CA GLU C 420 26.77 -1.33 8.37
C GLU C 420 26.18 -1.37 9.79
N SER C 421 26.48 -2.43 10.53
CA SER C 421 25.81 -2.73 11.80
C SER C 421 25.90 -1.61 12.83
N ASP C 422 27.07 -0.98 12.93
CA ASP C 422 27.26 0.11 13.88
C ASP C 422 26.49 1.38 13.49
N ILE C 423 26.54 1.75 12.22
CA ILE C 423 25.79 2.93 11.77
C ILE C 423 24.29 2.67 11.89
N LYS C 424 23.87 1.46 11.54
CA LYS C 424 22.48 1.03 11.71
C LYS C 424 22.02 1.19 13.17
N ARG C 425 22.84 0.70 14.10
CA ARG C 425 22.55 0.79 15.53
C ARG C 425 22.47 2.25 15.98
N PHE C 426 23.40 3.06 15.51
CA PHE C 426 23.44 4.47 15.86
C PHE C 426 22.11 5.14 15.51
N PHE C 427 21.59 4.87 14.33
CA PHE C 427 20.34 5.49 13.92
C PHE C 427 19.12 4.80 14.56
N GLU C 428 19.22 3.50 14.84
CA GLU C 428 18.13 2.84 15.57
C GLU C 428 17.97 3.41 16.96
N ASN C 429 19.09 3.81 17.58
CA ASN C 429 19.08 4.30 18.95
C ASN C 429 18.97 5.82 19.07
N LEU C 430 18.90 6.54 17.95
CA LEU C 430 18.75 8.00 17.97
C LEU C 430 17.57 8.40 18.83
N ASN C 431 17.79 9.33 19.75
CA ASN C 431 16.72 9.77 20.62
C ASN C 431 16.88 11.24 20.97
N PRO C 432 16.58 12.12 19.98
CA PRO C 432 16.81 13.56 20.14
C PRO C 432 16.05 14.20 21.31
N MET C 433 14.88 13.68 21.67
CA MET C 433 14.08 14.25 22.75
C MET C 433 14.61 13.86 24.14
N GLY C 434 15.42 12.81 24.20
CA GLY C 434 15.87 12.31 25.47
C GLY C 434 14.68 11.93 26.34
N ASN C 435 14.65 12.43 27.57
CA ASN C 435 13.56 12.14 28.50
C ASN C 435 12.47 13.20 28.48
N SER C 436 12.64 14.22 27.63
CA SER C 436 11.68 15.31 27.58
C SER C 436 10.42 14.89 26.88
N MET C 437 9.30 15.44 27.33
CA MET C 437 8.03 15.34 26.61
C MET C 437 8.06 16.19 25.35
N GLU C 438 7.15 15.91 24.43
CA GLU C 438 7.16 16.56 23.12
C GLU C 438 7.01 18.09 23.17
N LYS C 439 6.06 18.59 23.95
CA LYS C 439 5.84 20.03 23.98
C LYS C 439 7.08 20.73 24.55
N GLU C 440 7.60 20.17 25.63
CA GLU C 440 8.80 20.67 26.28
C GLU C 440 10.00 20.73 25.31
N PHE C 441 10.22 19.64 24.58
CA PHE C 441 11.32 19.58 23.61
C PHE C 441 11.11 20.56 22.45
N THR C 442 9.89 20.55 21.92
CA THR C 442 9.48 21.41 20.83
C THR C 442 9.61 22.91 21.19
N ASP C 443 9.26 23.26 22.42
CA ASP C 443 9.44 24.64 22.89
C ASP C 443 10.92 24.95 23.04
N TYR C 444 11.69 23.98 23.48
CA TYR C 444 13.13 24.17 23.60
C TYR C 444 13.76 24.51 22.24
N LEU C 445 13.39 23.76 21.22
CA LEU C 445 13.92 23.98 19.86
C LEU C 445 13.61 25.37 19.36
N PHE C 446 12.37 25.82 19.57
CA PHE C 446 11.99 27.16 19.13
C PHE C 446 12.73 28.25 19.89
N ASN C 447 12.91 28.04 21.19
CA ASN C 447 13.67 28.99 21.99
C ASN C 447 15.12 29.05 21.56
N LYS C 448 15.71 27.90 21.23
CA LYS C 448 17.04 27.88 20.67
C LYS C 448 17.09 28.70 19.38
N SER C 449 16.10 28.51 18.52
CA SER C 449 16.02 29.27 17.27
C SER C 449 16.04 30.77 17.56
N LEU C 450 15.21 31.19 18.52
CA LEU C 450 15.12 32.61 18.90
C LEU C 450 16.44 33.15 19.43
N GLU C 451 17.18 32.31 20.17
CA GLU C 451 18.48 32.68 20.72
C GLU C 451 19.52 32.92 19.62
N ILE C 452 19.62 31.98 18.69
CA ILE C 452 20.69 32.02 17.69
C ILE C 452 20.45 33.05 16.58
N GLU C 453 19.17 33.31 16.29
CA GLU C 453 18.78 34.33 15.33
C GLU C 453 17.55 35.07 15.86
N PRO C 454 17.78 36.08 16.71
CA PRO C 454 16.71 36.86 17.34
C PRO C 454 15.75 37.50 16.34
N ARG C 455 14.51 37.73 16.76
CA ARG C 455 13.54 38.44 15.93
C ARG C 455 13.99 39.87 15.66
N ASN C 456 13.76 40.36 14.46
CA ASN C 456 13.95 41.78 14.18
C ASN C 456 13.16 42.61 15.18
N PRO C 457 13.71 43.75 15.61
CA PRO C 457 14.93 44.37 15.10
C PRO C 457 16.16 44.03 15.93
N LYS C 458 16.08 43.02 16.78
CA LYS C 458 17.23 42.64 17.59
C LYS C 458 18.37 42.24 16.66
N PRO C 459 19.58 42.71 16.97
CA PRO C 459 20.72 42.43 16.09
C PRO C 459 21.23 41.01 16.28
N LEU C 460 21.94 40.52 15.28
CA LEU C 460 22.45 39.16 15.30
C LEU C 460 23.70 39.01 16.15
N PRO C 461 23.62 38.19 17.21
CA PRO C 461 24.78 37.91 18.06
C PRO C 461 25.76 36.98 17.38
N ARG C 462 26.97 36.89 17.93
CA ARG C 462 27.94 35.91 17.51
C ARG C 462 28.06 34.83 18.58
N PHE C 463 28.39 33.63 18.11
CA PHE C 463 28.53 32.48 18.99
C PHE C 463 29.81 31.74 18.69
N PRO C 464 30.40 31.11 19.73
CA PRO C 464 31.63 30.34 19.53
C PRO C 464 31.39 29.03 18.78
N LYS C 465 32.43 28.55 18.11
CA LYS C 465 32.37 27.30 17.37
C LYS C 465 32.37 26.12 18.32
N LYS C 466 31.75 25.01 17.92
CA LYS C 466 31.64 23.84 18.79
C LYS C 466 32.33 22.62 18.21
N TYR C 467 32.63 22.64 16.91
CA TYR C 467 33.19 21.46 16.27
C TYR C 467 34.70 21.59 16.08
N SER C 468 35.44 20.58 16.50
CA SER C 468 36.90 20.62 16.43
C SER C 468 37.45 20.02 15.14
N TYR C 469 36.60 19.31 14.41
CA TYR C 469 37.02 18.62 13.20
C TYR C 469 36.64 19.44 11.96
N PRO C 470 37.21 19.13 10.79
CA PRO C 470 36.88 19.89 9.58
C PRO C 470 35.39 19.87 9.24
N LEU C 471 34.87 20.99 8.76
CA LEU C 471 33.46 21.08 8.37
C LEU C 471 33.26 20.78 6.89
N LYS C 472 34.33 20.71 6.12
CA LYS C 472 34.19 20.51 4.68
C LYS C 472 33.61 19.13 4.38
N SER C 473 32.53 19.09 3.60
CA SER C 473 31.91 17.82 3.22
C SER C 473 32.76 17.02 2.25
N PRO C 474 32.73 15.68 2.36
CA PRO C 474 33.39 14.86 1.33
C PRO C 474 32.52 14.76 0.06
N GLY C 475 31.33 15.37 0.07
CA GLY C 475 30.44 15.38 -1.08
C GLY C 475 29.63 14.11 -1.19
N VAL C 476 28.73 14.03 -2.17
CA VAL C 476 27.88 12.85 -2.25
C VAL C 476 28.00 12.04 -3.55
N ARG C 477 29.10 12.22 -4.27
CA ARG C 477 29.42 11.31 -5.36
C ARG C 477 30.26 10.17 -4.80
N PRO C 478 29.85 8.93 -5.06
CA PRO C 478 30.51 7.75 -4.51
C PRO C 478 31.89 7.50 -5.11
N SER C 479 32.76 6.90 -4.30
CA SER C 479 34.13 6.58 -4.66
C SER C 479 34.24 5.08 -4.90
N ASN C 480 35.25 4.65 -5.64
CA ASN C 480 35.38 3.24 -5.94
C ASN C 480 36.82 2.79 -6.22
N PRO C 481 37.51 2.33 -5.17
CA PRO C 481 38.78 1.64 -5.38
C PRO C 481 38.54 0.18 -5.79
MG MG D . 3.48 -22.85 -9.33
PG GNP E . 2.94 -25.75 -10.35
O1G GNP E . 2.47 -24.52 -9.64
O2G GNP E . 2.35 -27.00 -9.74
O3G GNP E . 2.56 -25.84 -11.80
N3B GNP E . 4.55 -25.78 -10.25
PB GNP E . 5.58 -24.62 -10.73
O1B GNP E . 5.10 -23.34 -10.22
O2B GNP E . 5.77 -24.72 -12.19
O3A GNP E . 6.98 -24.92 -10.13
PA GNP E . 7.60 -24.35 -8.83
O1A GNP E . 8.00 -22.95 -9.01
O2A GNP E . 6.74 -24.69 -7.68
O5' GNP E . 8.95 -25.12 -8.61
C5' GNP E . 9.03 -26.54 -8.65
C4' GNP E . 10.32 -27.00 -7.99
O4' GNP E . 11.46 -26.75 -8.84
C3' GNP E . 10.64 -26.33 -6.65
O3' GNP E . 11.23 -27.26 -5.76
C2' GNP E . 11.63 -25.24 -7.06
O2' GNP E . 12.49 -24.88 -6.01
C1' GNP E . 12.40 -25.94 -8.19
N9 GNP E . 12.92 -24.99 -9.16
C8 GNP E . 12.17 -24.04 -9.84
N7 GNP E . 12.87 -23.33 -10.68
C5 GNP E . 14.17 -23.85 -10.56
C6 GNP E . 15.37 -23.47 -11.21
O6 GNP E . 15.53 -22.58 -12.07
N1 GNP E . 16.45 -24.25 -10.79
C2 GNP E . 16.37 -25.27 -9.86
N2 GNP E . 17.51 -25.93 -9.59
N3 GNP E . 15.27 -25.62 -9.24
C4 GNP E . 14.19 -24.87 -9.63
C10 FVY F . 12.49 25.85 3.38
N12 FVY F . 13.30 28.31 4.09
C13 FVY F . 13.57 28.06 5.48
C15 FVY F . 15.82 28.27 6.86
C17 FVY F . 18.06 27.34 5.87
C21 FVY F . 15.83 27.13 4.49
N01 FVY F . 13.91 30.72 3.98
C02 FVY F . 13.47 29.50 3.43
N03 FVY F . 13.10 29.30 2.11
C04 FVY F . 12.72 28.00 1.98
C05 FVY F . 12.22 27.20 0.72
C06 FVY F . 11.88 25.76 0.88
C07 FVY F . 11.40 25.03 -0.36
C08 FVY F . 12.00 25.08 2.18
C09 FVY F . 11.65 23.59 2.34
C11 FVY F . 12.85 27.37 3.20
C14 FVY F . 15.09 27.82 5.62
C16 FVY F . 17.32 28.02 6.99
F18 FVY F . 19.37 27.13 5.97
C19 FVY F . 17.31 26.90 4.62
CL20 FVY F . 18.15 26.13 3.32
#